data_2CXQ
#
_entry.id   2CXQ
#
_cell.length_a   69.871
_cell.length_b   115.838
_cell.length_c   73.098
_cell.angle_alpha   90.00
_cell.angle_beta   101.66
_cell.angle_gamma   90.00
#
_symmetry.space_group_name_H-M   'P 1 21 1'
#
loop_
_entity.id
_entity.type
_entity.pdbx_description
1 polymer 'Glucose-6-phosphate isomerase'
2 non-polymer D-SORBITOL-6-PHOSPHATE
3 non-polymer GLYCEROL
4 water water
#
_entity_poly.entity_id   1
_entity_poly.type   'polypeptide(L)'
_entity_poly.pdbx_seq_one_letter_code
;MAALTRNPQFQKLLEWHRANSANLKLRELFEADPERFNNFSLNLNTNHGHILVDYSKNLVSKEVMQMLVELAKSRGVEAA
RDNMFSGSKINYTEDRAVLHVALRNRSNTPIKVDGKDVMPEVNRVLDKMKSFCQRVRSGDWKGYTGKSITDIINIGIGGS
DLGPLMVTEALKPYSKGGPRVWFVSNIDGTHIAKTLASLSPETSLFIIASKTFTTQETITNAETAKEWFLEAAKDPSAVA
KHFVALSTNTAKVKEFGIDPQNMFEFWDWVGGRYSLWSAIGLSIALHVGFDHFEQLLSGAHWMDQHFLKTPLEKNAPVLL
ALLGIWYINCYGCETHALLPYDQYMHRFAAYFQQGDMESNGKYITKSGARVDHQTGPIVWGEPGTNGQHAFYQLIHQGTK
MIPCDFLIPVQTQHPIRKGLHHKILLANFLAQTEALMKGKLPEEARKELQAAGKSPEDLEKLLPHKVFEGNRPTNSIVFT
KLTPFILGALIAMYEHKIFVQGIMWDINSFDQWGVELGKQLAKKIEPELEGSSAVTSHDSSTNGLISFIKQQRDTKL
;
_entity_poly.pdbx_strand_id   A,B
#
loop_
_chem_comp.id
_chem_comp.type
_chem_comp.name
_chem_comp.formula
GOL non-polymer GLYCEROL 'C3 H8 O3'
S6P D-saccharide D-SORBITOL-6-PHOSPHATE 'C6 H15 O9 P'
#
# COMPACT_ATOMS: atom_id res chain seq x y z
N MET A 1 9.41 -32.92 9.66
CA MET A 1 8.30 -32.06 9.14
C MET A 1 7.64 -31.25 10.27
N ALA A 2 6.52 -30.60 9.96
CA ALA A 2 5.89 -29.67 10.89
C ALA A 2 4.49 -30.14 11.31
N ALA A 3 3.95 -29.51 12.36
CA ALA A 3 2.65 -29.92 12.91
C ALA A 3 1.52 -29.94 11.88
N LEU A 4 1.42 -28.90 11.06
CA LEU A 4 0.35 -28.84 10.07
C LEU A 4 0.44 -29.95 9.04
N THR A 5 1.63 -30.14 8.46
CA THR A 5 1.81 -31.12 7.40
C THR A 5 1.75 -32.57 7.89
N ARG A 6 2.08 -32.78 9.16
CA ARG A 6 1.99 -34.11 9.79
C ARG A 6 0.54 -34.45 10.17
N ASN A 7 -0.33 -33.44 10.17
CA ASN A 7 -1.71 -33.60 10.60
C ASN A 7 -2.56 -34.32 9.54
N PRO A 8 -3.19 -35.43 9.92
CA PRO A 8 -3.97 -36.24 8.97
C PRO A 8 -5.19 -35.51 8.39
N GLN A 9 -5.79 -34.62 9.17
CA GLN A 9 -6.93 -33.83 8.70
C GLN A 9 -6.48 -32.82 7.63
N PHE A 10 -5.25 -32.32 7.77
CA PHE A 10 -4.69 -31.46 6.73
C PHE A 10 -4.36 -32.23 5.45
N GLN A 11 -3.78 -33.42 5.59
CA GLN A 11 -3.46 -34.22 4.42
C GLN A 11 -4.72 -34.64 3.66
N LYS A 12 -5.82 -34.90 4.39
CA LYS A 12 -7.11 -35.19 3.78
C LYS A 12 -7.64 -34.00 2.98
N LEU A 13 -7.55 -32.82 3.59
CA LEU A 13 -7.91 -31.55 2.95
C LEU A 13 -7.15 -31.35 1.64
N LEU A 14 -5.83 -31.51 1.72
CA LEU A 14 -4.95 -31.31 0.58
C LEU A 14 -5.19 -32.32 -0.54
N GLU A 15 -5.41 -33.58 -0.17
CA GLU A 15 -5.73 -34.62 -1.14
C GLU A 15 -7.06 -34.33 -1.82
N TRP A 16 -8.05 -33.90 -1.03
CA TRP A 16 -9.35 -33.51 -1.59
C TRP A 16 -9.19 -32.38 -2.58
N HIS A 17 -8.38 -31.37 -2.22
CA HIS A 17 -8.08 -30.27 -3.11
C HIS A 17 -7.49 -30.77 -4.43
N ARG A 18 -6.51 -31.66 -4.35
CA ARG A 18 -5.86 -32.23 -5.53
C ARG A 18 -6.87 -32.90 -6.46
N ALA A 19 -7.77 -33.68 -5.88
CA ALA A 19 -8.72 -34.48 -6.65
C ALA A 19 -9.94 -33.70 -7.15
N ASN A 20 -10.35 -32.68 -6.41
CA ASN A 20 -11.66 -32.06 -6.61
C ASN A 20 -11.71 -30.56 -6.89
N SER A 21 -10.67 -29.82 -6.52
CA SER A 21 -10.74 -28.35 -6.58
C SER A 21 -10.98 -27.77 -7.97
N ALA A 22 -10.46 -28.43 -9.01
CA ALA A 22 -10.67 -27.99 -10.38
C ALA A 22 -12.15 -28.02 -10.80
N ASN A 23 -12.96 -28.77 -10.06
CA ASN A 23 -14.39 -28.89 -10.33
C ASN A 23 -15.25 -27.84 -9.63
N LEU A 24 -14.61 -27.02 -8.80
CA LEU A 24 -15.30 -25.93 -8.11
C LEU A 24 -15.41 -24.71 -9.03
N LYS A 25 -16.65 -24.39 -9.42
CA LYS A 25 -16.92 -23.30 -10.34
C LYS A 25 -18.02 -22.42 -9.75
N LEU A 26 -17.66 -21.20 -9.35
CA LEU A 26 -18.55 -20.33 -8.58
C LEU A 26 -19.89 -20.04 -9.26
N ARG A 27 -19.85 -19.71 -10.55
CA ARG A 27 -21.07 -19.41 -11.29
C ARG A 27 -22.06 -20.57 -11.20
N GLU A 28 -21.54 -21.78 -11.38
CA GLU A 28 -22.33 -23.00 -11.36
C GLU A 28 -22.80 -23.36 -9.95
N LEU A 29 -21.95 -23.11 -8.95
CA LEU A 29 -22.32 -23.34 -7.55
C LEU A 29 -23.55 -22.51 -7.16
N PHE A 30 -23.56 -21.24 -7.57
CA PHE A 30 -24.68 -20.37 -7.27
C PHE A 30 -25.94 -20.75 -8.05
N GLU A 31 -25.78 -21.14 -9.31
CA GLU A 31 -26.93 -21.57 -10.11
C GLU A 31 -27.61 -22.81 -9.55
N ALA A 32 -26.81 -23.76 -9.07
CA ALA A 32 -27.31 -25.04 -8.59
C ALA A 32 -28.03 -24.96 -7.25
N ASP A 33 -27.73 -23.93 -6.47
CA ASP A 33 -28.19 -23.86 -5.09
C ASP A 33 -28.59 -22.44 -4.67
N PRO A 34 -29.89 -22.13 -4.72
CA PRO A 34 -30.39 -20.81 -4.34
C PRO A 34 -30.14 -20.45 -2.87
N GLU A 35 -29.77 -21.44 -2.05
CA GLU A 35 -29.53 -21.22 -0.63
C GLU A 35 -28.06 -20.93 -0.32
N ARG A 36 -27.23 -20.79 -1.35
CA ARG A 36 -25.78 -20.66 -1.14
C ARG A 36 -25.40 -19.48 -0.23
N PHE A 37 -25.95 -18.29 -0.49
CA PHE A 37 -25.68 -17.14 0.36
C PHE A 37 -26.06 -17.43 1.82
N ASN A 38 -27.25 -17.98 2.03
CA ASN A 38 -27.74 -18.28 3.37
C ASN A 38 -26.84 -19.26 4.12
N ASN A 39 -26.28 -20.22 3.39
CA ASN A 39 -25.48 -21.28 3.99
C ASN A 39 -24.02 -20.91 4.23
N PHE A 40 -23.56 -19.85 3.56
CA PHE A 40 -22.16 -19.44 3.62
C PHE A 40 -22.02 -17.96 3.97
N SER A 41 -22.78 -17.51 4.96
CA SER A 41 -22.67 -16.15 5.47
C SER A 41 -23.09 -16.09 6.94
N LEU A 42 -22.56 -15.08 7.64
CA LEU A 42 -22.88 -14.84 9.03
C LEU A 42 -23.36 -13.41 9.18
N ASN A 43 -24.60 -13.25 9.66
CA ASN A 43 -25.16 -11.94 9.94
C ASN A 43 -25.12 -11.71 11.45
N LEU A 44 -24.09 -10.99 11.89
CA LEU A 44 -23.86 -10.77 13.30
C LEU A 44 -24.56 -9.52 13.82
N ASN A 45 -25.42 -9.71 14.82
CA ASN A 45 -26.08 -8.60 15.49
C ASN A 45 -25.32 -8.26 16.77
N THR A 46 -24.64 -7.12 16.79
CA THR A 46 -23.87 -6.71 17.96
C THR A 46 -24.70 -5.91 18.96
N ASN A 47 -25.95 -5.62 18.61
CA ASN A 47 -26.83 -4.69 19.33
C ASN A 47 -26.43 -3.21 19.15
N HIS A 48 -25.35 -2.98 18.42
CA HIS A 48 -24.89 -1.63 18.07
C HIS A 48 -24.56 -1.60 16.58
N GLY A 49 -25.34 -2.35 15.81
CA GLY A 49 -25.12 -2.49 14.39
C GLY A 49 -24.87 -3.93 14.01
N HIS A 50 -25.06 -4.23 12.73
CA HIS A 50 -24.83 -5.56 12.22
C HIS A 50 -23.55 -5.62 11.40
N ILE A 51 -22.87 -6.76 11.48
CA ILE A 51 -21.75 -7.07 10.60
C ILE A 51 -22.07 -8.33 9.82
N LEU A 52 -22.19 -8.19 8.51
CA LEU A 52 -22.44 -9.34 7.63
C LEU A 52 -21.12 -9.80 7.04
N VAL A 53 -20.72 -11.02 7.37
CA VAL A 53 -19.55 -11.66 6.79
C VAL A 53 -20.04 -12.67 5.75
N ASP A 54 -20.02 -12.25 4.50
CA ASP A 54 -20.53 -13.07 3.41
C ASP A 54 -19.35 -13.75 2.75
N TYR A 55 -19.21 -15.05 2.99
CA TYR A 55 -18.09 -15.81 2.44
C TYR A 55 -18.54 -16.79 1.37
N SER A 56 -19.71 -16.51 0.79
CA SER A 56 -20.31 -17.40 -0.20
C SER A 56 -19.64 -17.39 -1.58
N LYS A 57 -18.95 -16.30 -1.92
CA LYS A 57 -18.24 -16.24 -3.19
C LYS A 57 -16.82 -16.82 -3.08
N ASN A 58 -16.68 -17.84 -2.23
CA ASN A 58 -15.42 -18.56 -2.08
C ASN A 58 -15.48 -19.93 -2.73
N LEU A 59 -14.31 -20.45 -3.09
CA LEU A 59 -14.23 -21.75 -3.76
C LEU A 59 -14.33 -22.87 -2.72
N VAL A 60 -15.53 -22.98 -2.14
CA VAL A 60 -15.78 -23.94 -1.07
C VAL A 60 -17.16 -24.56 -1.22
N SER A 61 -17.29 -25.77 -0.67
CA SER A 61 -18.57 -26.46 -0.54
C SER A 61 -18.75 -26.77 0.93
N LYS A 62 -19.91 -27.33 1.28
CA LYS A 62 -20.17 -27.78 2.65
C LYS A 62 -19.08 -28.72 3.15
N GLU A 63 -18.64 -29.62 2.27
CA GLU A 63 -17.62 -30.62 2.60
C GLU A 63 -16.27 -29.97 2.89
N VAL A 64 -15.89 -29.00 2.07
CA VAL A 64 -14.65 -28.25 2.29
C VAL A 64 -14.68 -27.55 3.65
N MET A 65 -15.78 -26.86 3.94
CA MET A 65 -15.92 -26.17 5.22
C MET A 65 -15.87 -27.13 6.41
N GLN A 66 -16.49 -28.30 6.25
CA GLN A 66 -16.46 -29.34 7.27
C GLN A 66 -15.03 -29.80 7.54
N MET A 67 -14.27 -30.03 6.47
CA MET A 67 -12.87 -30.46 6.60
C MET A 67 -12.02 -29.39 7.28
N LEU A 68 -12.28 -28.13 6.95
CA LEU A 68 -11.52 -27.01 7.53
C LEU A 68 -11.79 -26.86 9.03
N VAL A 69 -13.06 -26.94 9.41
CA VAL A 69 -13.44 -26.87 10.83
C VAL A 69 -12.84 -28.05 11.61
N GLU A 70 -12.89 -29.24 11.03
CA GLU A 70 -12.25 -30.42 11.62
C GLU A 70 -10.76 -30.23 11.81
N LEU A 71 -10.11 -29.62 10.83
CA LEU A 71 -8.68 -29.30 10.93
C LEU A 71 -8.40 -28.33 12.08
N ALA A 72 -9.24 -27.30 12.22
CA ALA A 72 -9.11 -26.35 13.32
C ALA A 72 -9.21 -27.04 14.68
N LYS A 73 -10.15 -27.97 14.81
CA LYS A 73 -10.32 -28.73 16.05
C LYS A 73 -9.10 -29.61 16.30
N SER A 74 -8.63 -30.28 15.24
CA SER A 74 -7.45 -31.14 15.31
C SER A 74 -6.18 -30.38 15.69
N ARG A 75 -6.11 -29.10 15.32
CA ARG A 75 -4.96 -28.25 15.63
C ARG A 75 -5.08 -27.54 16.98
N GLY A 76 -6.16 -27.84 17.72
CA GLY A 76 -6.36 -27.33 19.06
C GLY A 76 -6.58 -25.83 19.17
N VAL A 77 -7.34 -25.27 18.23
CA VAL A 77 -7.60 -23.83 18.19
C VAL A 77 -8.33 -23.34 19.45
N GLU A 78 -9.36 -24.06 19.89
CA GLU A 78 -10.16 -23.65 21.04
C GLU A 78 -9.34 -23.59 22.33
N ALA A 79 -8.55 -24.62 22.58
CA ALA A 79 -7.68 -24.66 23.75
C ALA A 79 -6.65 -23.52 23.74
N ALA A 80 -6.07 -23.27 22.56
CA ALA A 80 -5.08 -22.20 22.41
C ALA A 80 -5.70 -20.83 22.66
N ARG A 81 -6.91 -20.63 22.13
CA ARG A 81 -7.66 -19.40 22.36
C ARG A 81 -7.91 -19.19 23.85
N ASP A 82 -8.41 -20.23 24.51
CA ASP A 82 -8.70 -20.16 25.94
C ASP A 82 -7.44 -19.81 26.74
N ASN A 83 -6.30 -20.37 26.32
CA ASN A 83 -5.02 -20.08 26.94
C ASN A 83 -4.58 -18.64 26.78
N MET A 84 -4.82 -18.05 25.60
CA MET A 84 -4.55 -16.63 25.41
C MET A 84 -5.40 -15.80 26.38
N PHE A 85 -6.70 -16.10 26.41
CA PHE A 85 -7.66 -15.33 27.19
C PHE A 85 -7.44 -15.46 28.70
N SER A 86 -6.81 -16.55 29.12
CA SER A 86 -6.59 -16.81 30.54
C SER A 86 -5.26 -16.26 31.06
N GLY A 87 -4.43 -15.73 30.17
CA GLY A 87 -3.16 -15.14 30.58
C GLY A 87 -1.99 -16.10 30.60
N SER A 88 -2.16 -17.29 30.01
CA SER A 88 -1.05 -18.22 29.80
C SER A 88 0.03 -17.56 28.95
N LYS A 89 1.28 -17.92 29.19
CA LYS A 89 2.39 -17.27 28.50
C LYS A 89 2.63 -17.90 27.14
N ILE A 90 1.68 -17.68 26.23
CA ILE A 90 1.69 -18.34 24.91
C ILE A 90 2.70 -17.74 23.93
N ASN A 91 3.23 -16.55 24.24
CA ASN A 91 4.36 -16.01 23.51
C ASN A 91 5.59 -16.70 24.10
N TYR A 92 5.87 -17.91 23.60
CA TYR A 92 6.81 -18.81 24.25
C TYR A 92 8.29 -18.44 24.08
N THR A 93 8.62 -17.74 23.00
CA THR A 93 10.02 -17.34 22.77
C THR A 93 10.43 -16.16 23.63
N GLU A 94 9.44 -15.39 24.11
CA GLU A 94 9.70 -14.26 24.98
C GLU A 94 9.21 -14.50 26.41
N ASP A 95 8.58 -15.67 26.62
CA ASP A 95 7.93 -16.04 27.89
C ASP A 95 7.01 -14.94 28.39
N ARG A 96 6.04 -14.58 27.55
CA ARG A 96 5.10 -13.51 27.85
C ARG A 96 3.68 -13.98 27.63
N ALA A 97 2.75 -13.40 28.40
CA ALA A 97 1.33 -13.52 28.10
C ALA A 97 1.03 -12.69 26.85
N VAL A 98 -0.17 -12.90 26.31
CA VAL A 98 -0.61 -12.18 25.12
C VAL A 98 -2.01 -11.68 25.45
N LEU A 99 -2.10 -10.43 25.87
CA LEU A 99 -3.32 -9.97 26.53
C LEU A 99 -3.87 -8.63 26.05
N HIS A 100 -3.81 -8.41 24.73
CA HIS A 100 -4.56 -7.29 24.18
C HIS A 100 -6.05 -7.41 24.50
N VAL A 101 -6.56 -8.64 24.67
CA VAL A 101 -7.97 -8.80 25.07
C VAL A 101 -8.26 -8.23 26.47
N ALA A 102 -7.25 -8.20 27.35
CA ALA A 102 -7.45 -7.62 28.67
C ALA A 102 -7.63 -6.10 28.61
N LEU A 103 -6.96 -5.46 27.65
CA LEU A 103 -7.00 -4.01 27.49
C LEU A 103 -8.43 -3.50 27.28
N ARG A 104 -9.24 -4.32 26.61
CA ARG A 104 -10.62 -3.97 26.28
C ARG A 104 -11.63 -4.86 27.00
N ASN A 105 -11.19 -5.49 28.09
CA ASN A 105 -12.06 -6.37 28.86
C ASN A 105 -13.07 -5.56 29.69
N ARG A 106 -14.14 -5.12 29.03
CA ARG A 106 -15.15 -4.26 29.65
C ARG A 106 -15.90 -4.93 30.80
N SER A 107 -15.94 -6.26 30.79
CA SER A 107 -16.61 -7.04 31.84
C SER A 107 -15.85 -6.98 33.15
N ASN A 108 -14.55 -6.68 33.08
CA ASN A 108 -13.66 -6.63 34.24
C ASN A 108 -13.48 -7.95 35.00
N THR A 109 -13.91 -9.05 34.38
CA THR A 109 -13.63 -10.38 34.91
C THR A 109 -12.11 -10.51 35.03
N PRO A 110 -11.61 -10.92 36.19
CA PRO A 110 -10.16 -11.04 36.41
C PRO A 110 -9.46 -11.85 35.32
N ILE A 111 -8.33 -11.32 34.86
CA ILE A 111 -7.40 -12.06 34.01
C ILE A 111 -6.06 -11.99 34.71
N LYS A 112 -5.53 -13.16 35.06
CA LYS A 112 -4.32 -13.23 35.89
C LYS A 112 -3.07 -13.50 35.08
N VAL A 113 -2.00 -12.78 35.42
CA VAL A 113 -0.65 -13.07 34.96
C VAL A 113 0.20 -13.20 36.22
N ASP A 114 0.93 -14.31 36.33
CA ASP A 114 1.76 -14.57 37.51
C ASP A 114 0.95 -14.51 38.81
N GLY A 115 -0.30 -14.98 38.74
CA GLY A 115 -1.19 -15.02 39.89
C GLY A 115 -1.91 -13.72 40.22
N LYS A 116 -1.61 -12.65 39.48
CA LYS A 116 -2.17 -11.33 39.77
C LYS A 116 -3.07 -10.82 38.65
N ASP A 117 -4.27 -10.38 39.03
CA ASP A 117 -5.23 -9.78 38.11
C ASP A 117 -4.64 -8.53 37.47
N VAL A 118 -4.72 -8.45 36.13
CA VAL A 118 -4.18 -7.30 35.39
C VAL A 118 -5.20 -6.17 35.24
N MET A 119 -6.47 -6.45 35.53
CA MET A 119 -7.54 -5.49 35.30
C MET A 119 -7.45 -4.17 36.09
N PRO A 120 -7.12 -4.21 37.40
CA PRO A 120 -6.93 -2.96 38.15
C PRO A 120 -5.97 -1.99 37.47
N GLU A 121 -4.83 -2.48 36.96
CA GLU A 121 -3.86 -1.60 36.32
C GLU A 121 -4.31 -1.15 34.93
N VAL A 122 -4.97 -2.03 34.18
CA VAL A 122 -5.56 -1.65 32.90
C VAL A 122 -6.51 -0.47 33.12
N ASN A 123 -7.39 -0.60 34.11
CA ASN A 123 -8.40 0.42 34.39
C ASN A 123 -7.84 1.70 35.01
N ARG A 124 -6.80 1.58 35.81
CA ARG A 124 -6.10 2.74 36.36
C ARG A 124 -5.52 3.61 35.25
N VAL A 125 -4.87 2.98 34.26
CA VAL A 125 -4.32 3.74 33.14
C VAL A 125 -5.44 4.33 32.27
N LEU A 126 -6.50 3.56 32.03
CA LEU A 126 -7.64 4.10 31.29
C LEU A 126 -8.24 5.34 31.99
N ASP A 127 -8.36 5.29 33.32
CA ASP A 127 -8.84 6.43 34.09
C ASP A 127 -7.92 7.64 33.95
N LYS A 128 -6.62 7.38 33.96
CA LYS A 128 -5.61 8.43 33.75
C LYS A 128 -5.77 9.07 32.36
N MET A 129 -5.98 8.22 31.34
CA MET A 129 -6.19 8.70 29.98
C MET A 129 -7.43 9.58 29.89
N LYS A 130 -8.51 9.11 30.53
CA LYS A 130 -9.78 9.84 30.54
C LYS A 130 -9.61 11.23 31.16
N SER A 131 -8.93 11.28 32.30
CA SER A 131 -8.67 12.55 32.99
C SER A 131 -7.84 13.51 32.14
N PHE A 132 -6.77 12.98 31.55
CA PHE A 132 -5.88 13.78 30.71
C PHE A 132 -6.60 14.33 29.48
N CYS A 133 -7.41 13.47 28.84
CA CYS A 133 -8.18 13.88 27.67
C CYS A 133 -9.13 15.02 28.00
N GLN A 134 -9.80 14.93 29.15
CA GLN A 134 -10.71 15.99 29.59
C GLN A 134 -9.97 17.32 29.74
N ARG A 135 -8.81 17.26 30.38
CA ARG A 135 -8.00 18.45 30.65
C ARG A 135 -7.53 19.13 29.36
N VAL A 136 -7.06 18.32 28.40
CA VAL A 136 -6.55 18.87 27.15
C VAL A 136 -7.67 19.37 26.25
N ARG A 137 -8.70 18.53 26.06
CA ARG A 137 -9.77 18.85 25.13
C ARG A 137 -10.63 20.03 25.57
N SER A 138 -10.79 20.21 26.88
CA SER A 138 -11.55 21.33 27.44
C SER A 138 -10.85 22.67 27.26
N GLY A 139 -9.55 22.62 27.02
CA GLY A 139 -8.74 23.83 26.94
C GLY A 139 -8.10 24.19 28.27
N ASP A 140 -8.37 23.40 29.30
CA ASP A 140 -7.85 23.67 30.64
C ASP A 140 -6.34 23.51 30.73
N TRP A 141 -5.81 22.48 30.07
CA TRP A 141 -4.37 22.25 30.02
C TRP A 141 -3.70 23.34 29.20
N LYS A 142 -2.79 24.08 29.85
CA LYS A 142 -2.13 25.21 29.20
C LYS A 142 -0.66 24.95 28.93
N GLY A 143 -0.18 25.49 27.82
CA GLY A 143 1.22 25.40 27.46
C GLY A 143 2.08 26.37 28.24
N TYR A 144 3.37 26.44 27.90
CA TYR A 144 4.33 27.19 28.70
C TYR A 144 4.14 28.71 28.69
N THR A 145 3.37 29.23 27.73
CA THR A 145 3.04 30.66 27.69
C THR A 145 1.60 30.92 28.10
N GLY A 146 0.89 29.86 28.51
CA GLY A 146 -0.46 30.00 29.03
C GLY A 146 -1.58 29.86 28.02
N LYS A 147 -1.30 29.19 26.91
CA LYS A 147 -2.28 28.99 25.84
C LYS A 147 -2.78 27.55 25.81
N SER A 148 -4.04 27.37 25.38
CA SER A 148 -4.59 26.03 25.21
C SER A 148 -3.88 25.27 24.09
N ILE A 149 -3.88 23.95 24.19
CA ILE A 149 -3.27 23.06 23.19
C ILE A 149 -4.15 22.92 21.95
N THR A 150 -3.55 23.15 20.78
CA THR A 150 -4.26 23.06 19.50
C THR A 150 -3.82 21.88 18.64
N ASP A 151 -2.64 21.32 18.96
CA ASP A 151 -2.05 20.27 18.14
C ASP A 151 -1.43 19.21 19.02
N ILE A 152 -1.72 17.95 18.71
CA ILE A 152 -1.05 16.84 19.37
C ILE A 152 -0.23 16.08 18.34
N ILE A 153 0.98 15.67 18.74
CA ILE A 153 1.90 15.03 17.82
C ILE A 153 2.37 13.72 18.42
N ASN A 154 1.91 12.62 17.83
CA ASN A 154 2.39 11.30 18.22
C ASN A 154 3.73 11.06 17.55
N ILE A 155 4.75 10.75 18.36
CA ILE A 155 6.04 10.33 17.84
C ILE A 155 6.26 8.87 18.21
N GLY A 156 6.33 8.02 17.20
CA GLY A 156 6.49 6.59 17.40
C GLY A 156 6.53 5.91 16.05
N ILE A 157 6.92 4.64 16.03
CA ILE A 157 7.05 3.91 14.77
C ILE A 157 6.47 2.51 14.92
N GLY A 158 6.02 1.94 13.80
CA GLY A 158 5.49 0.59 13.79
C GLY A 158 4.24 0.48 14.65
N GLY A 159 4.25 -0.46 15.61
CA GLY A 159 3.14 -0.64 16.51
C GLY A 159 2.79 0.59 17.34
N SER A 160 3.76 1.50 17.49
CA SER A 160 3.54 2.74 18.25
C SER A 160 3.10 3.91 17.36
N ASP A 161 2.76 3.59 16.10
CA ASP A 161 2.39 4.62 15.13
C ASP A 161 1.12 4.23 14.37
N LEU A 162 1.12 3.05 13.74
CA LEU A 162 0.15 2.75 12.70
C LEU A 162 -1.29 2.57 13.19
N GLY A 163 -1.46 1.95 14.36
CA GLY A 163 -2.78 1.81 14.96
C GLY A 163 -3.48 3.14 15.21
N PRO A 164 -2.88 4.00 16.04
CA PRO A 164 -3.48 5.33 16.27
C PRO A 164 -3.65 6.13 14.98
N LEU A 165 -2.71 6.03 14.05
CA LEU A 165 -2.85 6.72 12.76
C LEU A 165 -4.08 6.21 12.01
N MET A 166 -4.19 4.89 11.85
CA MET A 166 -5.28 4.30 11.08
C MET A 166 -6.62 4.63 11.72
N VAL A 167 -6.68 4.52 13.05
CA VAL A 167 -7.94 4.74 13.76
C VAL A 167 -8.37 6.20 13.75
N THR A 168 -7.44 7.15 13.96
CA THR A 168 -7.82 8.56 13.88
C THR A 168 -8.27 8.94 12.47
N GLU A 169 -7.66 8.33 11.46
CA GLU A 169 -8.10 8.55 10.08
C GLU A 169 -9.50 7.99 9.87
N ALA A 170 -9.74 6.78 10.37
CA ALA A 170 -11.01 6.09 10.15
C ALA A 170 -12.16 6.77 10.89
N LEU A 171 -11.84 7.39 12.03
CA LEU A 171 -12.85 8.01 12.90
C LEU A 171 -12.82 9.53 12.85
N LYS A 172 -12.28 10.07 11.77
CA LYS A 172 -12.18 11.52 11.59
C LYS A 172 -13.48 12.31 11.86
N PRO A 173 -14.66 11.82 11.43
CA PRO A 173 -15.91 12.55 11.71
C PRO A 173 -16.22 12.73 13.19
N TYR A 174 -15.55 11.97 14.05
CA TYR A 174 -15.81 11.99 15.49
C TYR A 174 -14.84 12.92 16.23
N SER A 175 -14.07 13.70 15.48
CA SER A 175 -12.99 14.51 16.02
C SER A 175 -13.30 16.00 16.22
N LYS A 176 -14.56 16.39 16.00
CA LYS A 176 -14.97 17.78 16.27
C LYS A 176 -14.80 18.09 17.76
N GLY A 177 -14.13 19.19 18.07
CA GLY A 177 -13.86 19.56 19.46
C GLY A 177 -12.56 18.99 20.01
N GLY A 178 -11.86 18.23 19.16
CA GLY A 178 -10.57 17.69 19.53
C GLY A 178 -9.46 18.48 18.87
N PRO A 179 -8.24 18.40 19.41
CA PRO A 179 -7.08 19.03 18.80
C PRO A 179 -6.70 18.32 17.51
N ARG A 180 -6.04 19.03 16.61
CA ARG A 180 -5.47 18.43 15.40
C ARG A 180 -4.45 17.38 15.83
N VAL A 181 -4.39 16.28 15.10
CA VAL A 181 -3.44 15.21 15.41
C VAL A 181 -2.45 15.00 14.27
N TRP A 182 -1.18 14.85 14.63
CA TRP A 182 -0.09 14.62 13.69
C TRP A 182 0.63 13.35 14.09
N PHE A 183 1.15 12.65 13.09
CA PHE A 183 1.93 11.44 13.34
C PHE A 183 3.31 11.58 12.71
N VAL A 184 4.34 11.47 13.56
CA VAL A 184 5.72 11.49 13.10
C VAL A 184 6.30 10.12 13.43
N SER A 185 6.90 9.47 12.45
CA SER A 185 7.35 8.09 12.63
C SER A 185 8.69 7.79 11.99
N ASN A 186 8.83 8.14 10.72
CA ASN A 186 10.08 7.86 10.00
C ASN A 186 11.24 8.61 10.64
N ILE A 187 12.42 7.98 10.66
CA ILE A 187 13.64 8.73 11.00
C ILE A 187 13.96 9.79 9.95
N ASP A 188 13.58 9.53 8.70
CA ASP A 188 13.75 10.51 7.63
C ASP A 188 13.35 11.89 8.14
N GLY A 189 14.31 12.81 8.14
CA GLY A 189 14.13 14.13 8.73
C GLY A 189 12.99 14.95 8.13
N THR A 190 12.61 14.60 6.91
CA THR A 190 11.44 15.20 6.29
C THR A 190 10.21 15.10 7.18
N HIS A 191 10.06 13.96 7.85
CA HIS A 191 8.85 13.72 8.62
C HIS A 191 8.68 14.71 9.76
N ILE A 192 9.67 14.80 10.65
CA ILE A 192 9.59 15.76 11.75
C ILE A 192 9.69 17.21 11.26
N ALA A 193 10.56 17.46 10.28
CA ALA A 193 10.79 18.83 9.81
C ALA A 193 9.52 19.49 9.25
N LYS A 194 8.80 18.77 8.41
CA LYS A 194 7.59 19.32 7.81
C LYS A 194 6.45 19.44 8.82
N THR A 195 6.44 18.57 9.82
CA THR A 195 5.48 18.65 10.91
C THR A 195 5.74 19.90 11.77
N LEU A 196 6.97 20.04 12.25
CA LEU A 196 7.34 21.18 13.10
C LEU A 196 7.16 22.53 12.40
N ALA A 197 7.33 22.56 11.08
CA ALA A 197 7.16 23.78 10.29
C ALA A 197 5.75 24.36 10.38
N SER A 198 4.79 23.50 10.68
CA SER A 198 3.37 23.89 10.77
C SER A 198 2.90 24.14 12.20
N LEU A 199 3.82 24.10 13.17
CA LEU A 199 3.44 24.14 14.58
C LEU A 199 4.07 25.29 15.36
N SER A 200 3.43 25.63 16.47
CA SER A 200 4.01 26.53 17.47
C SER A 200 4.36 25.72 18.73
N PRO A 201 5.55 25.93 19.28
CA PRO A 201 5.94 25.27 20.53
C PRO A 201 4.99 25.60 21.68
N GLU A 202 4.30 26.74 21.59
CA GLU A 202 3.41 27.19 22.66
C GLU A 202 2.13 26.36 22.78
N THR A 203 1.70 25.75 21.67
CA THR A 203 0.39 25.13 21.61
C THR A 203 0.42 23.67 21.14
N SER A 204 1.61 23.08 21.11
CA SER A 204 1.81 21.71 20.66
C SER A 204 2.14 20.78 21.80
N LEU A 205 1.46 19.64 21.85
CA LEU A 205 1.73 18.61 22.84
C LEU A 205 2.25 17.36 22.14
N PHE A 206 3.45 16.94 22.54
CA PHE A 206 4.10 15.76 21.97
C PHE A 206 3.83 14.53 22.81
N ILE A 207 3.52 13.44 22.12
CA ILE A 207 3.27 12.16 22.76
C ILE A 207 4.35 11.20 22.28
N ILE A 208 5.26 10.83 23.17
CA ILE A 208 6.33 9.91 22.80
C ILE A 208 5.87 8.49 23.07
N ALA A 209 5.54 7.79 21.98
CA ALA A 209 4.96 6.46 22.06
C ALA A 209 6.02 5.40 21.76
N SER A 210 6.38 4.63 22.78
CA SER A 210 7.43 3.62 22.63
C SER A 210 7.39 2.64 23.77
N LYS A 211 7.09 1.38 23.45
CA LYS A 211 7.08 0.30 24.44
C LYS A 211 8.40 0.21 25.19
N THR A 212 9.50 0.16 24.44
CA THR A 212 10.84 0.04 25.01
C THR A 212 11.43 1.36 25.46
N PHE A 213 11.02 2.44 24.80
CA PHE A 213 11.62 3.77 24.94
C PHE A 213 13.11 3.81 24.59
N THR A 214 13.51 2.93 23.66
CA THR A 214 14.90 2.88 23.18
C THR A 214 15.01 2.84 21.65
N THR A 215 13.88 2.73 20.95
CA THR A 215 13.88 2.65 19.49
C THR A 215 14.53 3.88 18.89
N GLN A 216 15.49 3.66 17.99
CA GLN A 216 16.31 4.76 17.48
C GLN A 216 15.50 5.86 16.80
N GLU A 217 14.61 5.48 15.91
CA GLU A 217 13.82 6.47 15.18
C GLU A 217 13.02 7.35 16.14
N THR A 218 12.38 6.70 17.10
CA THR A 218 11.48 7.39 18.03
C THR A 218 12.23 8.30 19.01
N ILE A 219 13.30 7.78 19.60
CA ILE A 219 14.07 8.59 20.52
C ILE A 219 14.78 9.75 19.81
N THR A 220 15.28 9.51 18.59
CA THR A 220 15.89 10.59 17.82
C THR A 220 14.87 11.66 17.46
N ASN A 221 13.71 11.24 16.96
CA ASN A 221 12.63 12.18 16.66
C ASN A 221 12.22 12.96 17.90
N ALA A 222 12.12 12.25 19.03
CA ALA A 222 11.72 12.86 20.30
C ALA A 222 12.73 13.91 20.74
N GLU A 223 14.02 13.58 20.60
CA GLU A 223 15.08 14.51 20.98
C GLU A 223 15.09 15.73 20.05
N THR A 224 14.83 15.51 18.78
CA THR A 224 14.70 16.61 17.82
C THR A 224 13.55 17.54 18.19
N ALA A 225 12.41 16.96 18.53
CA ALA A 225 11.25 17.74 18.97
C ALA A 225 11.56 18.52 20.25
N LYS A 226 12.25 17.89 21.19
CA LYS A 226 12.61 18.52 22.46
C LYS A 226 13.58 19.68 22.26
N GLU A 227 14.55 19.51 21.36
CA GLU A 227 15.49 20.57 21.04
C GLU A 227 14.78 21.78 20.43
N TRP A 228 13.88 21.52 19.49
CA TRP A 228 13.07 22.55 18.85
C TRP A 228 12.23 23.28 19.90
N PHE A 229 11.61 22.50 20.78
CA PHE A 229 10.78 23.06 21.84
C PHE A 229 11.59 23.96 22.77
N LEU A 230 12.74 23.48 23.21
CA LEU A 230 13.55 24.19 24.19
C LEU A 230 14.25 25.42 23.61
N GLU A 231 14.48 25.41 22.29
CA GLU A 231 14.98 26.59 21.60
C GLU A 231 14.02 27.77 21.81
N ALA A 232 12.72 27.47 21.88
CA ALA A 232 11.69 28.48 22.09
C ALA A 232 11.40 28.74 23.57
N ALA A 233 11.21 27.67 24.35
CA ALA A 233 10.79 27.78 25.74
C ALA A 233 11.93 28.17 26.68
N LYS A 234 13.12 27.62 26.41
CA LYS A 234 14.33 27.94 27.18
C LYS A 234 14.23 27.62 28.67
N ASP A 235 13.43 26.60 29.01
CA ASP A 235 13.15 26.25 30.39
C ASP A 235 12.79 24.76 30.47
N PRO A 236 13.63 23.97 31.14
CA PRO A 236 13.40 22.52 31.22
C PRO A 236 12.10 22.14 31.92
N SER A 237 11.62 22.97 32.84
CA SER A 237 10.35 22.71 33.53
C SER A 237 9.15 22.79 32.59
N ALA A 238 9.30 23.49 31.46
CA ALA A 238 8.23 23.65 30.49
C ALA A 238 7.95 22.34 29.73
N VAL A 239 8.93 21.45 29.71
CA VAL A 239 8.80 20.15 29.05
C VAL A 239 7.60 19.37 29.59
N ALA A 240 7.36 19.46 30.90
CA ALA A 240 6.25 18.78 31.55
C ALA A 240 4.85 19.23 31.09
N LYS A 241 4.78 20.39 30.45
CA LYS A 241 3.50 20.88 29.91
C LYS A 241 3.31 20.46 28.46
N HIS A 242 4.36 19.91 27.84
CA HIS A 242 4.36 19.67 26.40
C HIS A 242 4.77 18.28 25.93
N PHE A 243 5.23 17.44 26.85
CA PHE A 243 5.67 16.10 26.51
C PHE A 243 5.08 15.07 27.47
N VAL A 244 4.44 14.05 26.91
CA VAL A 244 4.00 12.88 27.67
C VAL A 244 4.59 11.63 27.03
N ALA A 245 4.58 10.53 27.77
CA ALA A 245 5.16 9.28 27.28
C ALA A 245 4.20 8.12 27.45
N LEU A 246 4.19 7.24 26.45
CA LEU A 246 3.43 5.99 26.50
C LEU A 246 4.44 4.86 26.43
N SER A 247 4.63 4.14 27.53
CA SER A 247 5.75 3.20 27.62
C SER A 247 5.58 2.14 28.70
N THR A 248 6.47 1.14 28.66
CA THR A 248 6.62 0.18 29.75
C THR A 248 7.89 0.46 30.55
N ASN A 249 8.70 1.40 30.08
CA ASN A 249 10.03 1.66 30.64
C ASN A 249 10.10 2.97 31.42
N THR A 250 9.72 2.93 32.69
CA THR A 250 9.73 4.12 33.55
C THR A 250 11.12 4.76 33.65
N ALA A 251 12.15 3.95 33.78
CA ALA A 251 13.53 4.44 33.92
C ALA A 251 13.99 5.26 32.72
N LYS A 252 13.71 4.77 31.52
CA LYS A 252 14.13 5.44 30.29
C LYS A 252 13.30 6.69 30.00
N VAL A 253 12.02 6.66 30.41
CA VAL A 253 11.14 7.82 30.32
C VAL A 253 11.69 8.95 31.21
N LYS A 254 12.07 8.59 32.43
CA LYS A 254 12.70 9.51 33.38
C LYS A 254 14.00 10.10 32.82
N GLU A 255 14.83 9.22 32.25
CA GLU A 255 16.12 9.61 31.67
C GLU A 255 15.99 10.62 30.52
N PHE A 256 14.93 10.46 29.72
CA PHE A 256 14.62 11.39 28.64
C PHE A 256 14.21 12.76 29.16
N GLY A 257 13.66 12.79 30.37
CA GLY A 257 13.29 14.03 31.02
C GLY A 257 11.80 14.26 31.16
N ILE A 258 11.01 13.19 31.11
CA ILE A 258 9.56 13.29 31.26
C ILE A 258 9.12 12.93 32.68
N ASP A 259 8.23 13.77 33.22
CA ASP A 259 7.58 13.57 34.53
C ASP A 259 6.90 12.21 34.62
N PRO A 260 7.01 11.53 35.76
CA PRO A 260 6.36 10.23 35.96
C PRO A 260 4.84 10.35 35.90
N GLN A 261 4.32 11.51 36.31
CA GLN A 261 2.91 11.82 36.22
C GLN A 261 2.46 12.02 34.77
N ASN A 262 3.43 12.18 33.88
CA ASN A 262 3.17 12.32 32.44
C ASN A 262 3.42 11.01 31.69
N MET A 263 3.54 9.90 32.41
CA MET A 263 3.73 8.60 31.79
C MET A 263 2.48 7.74 31.86
N PHE A 264 2.04 7.26 30.70
CA PHE A 264 0.89 6.38 30.58
C PHE A 264 1.41 4.97 30.31
N GLU A 265 1.25 4.11 31.30
CA GLU A 265 1.90 2.80 31.31
C GLU A 265 1.13 1.75 30.52
N PHE A 266 1.87 0.90 29.83
CA PHE A 266 1.35 -0.40 29.44
C PHE A 266 2.32 -1.52 29.83
N TRP A 267 2.10 -2.73 29.30
CA TRP A 267 2.73 -3.94 29.85
C TRP A 267 3.34 -4.82 28.77
N ASP A 268 4.25 -5.70 29.18
CA ASP A 268 4.99 -6.53 28.22
C ASP A 268 4.10 -7.46 27.39
N TRP A 269 2.93 -7.81 27.94
CA TRP A 269 1.97 -8.68 27.25
C TRP A 269 1.08 -7.95 26.24
N VAL A 270 1.38 -6.66 26.04
CA VAL A 270 0.77 -5.88 24.95
C VAL A 270 1.77 -5.80 23.80
N GLY A 271 1.59 -6.64 22.78
CA GLY A 271 2.40 -6.54 21.58
C GLY A 271 2.19 -5.20 20.89
N GLY A 272 3.25 -4.62 20.32
CA GLY A 272 3.13 -3.33 19.69
C GLY A 272 2.05 -3.27 18.62
N ARG A 273 2.03 -4.29 17.77
CA ARG A 273 1.05 -4.35 16.69
C ARG A 273 -0.36 -4.72 17.18
N TYR A 274 -0.50 -4.85 18.50
CA TYR A 274 -1.78 -5.10 19.16
C TYR A 274 -2.01 -4.06 20.26
N SER A 275 -1.39 -2.89 20.12
CA SER A 275 -1.29 -1.95 21.24
C SER A 275 -2.21 -0.74 21.21
N LEU A 276 -2.94 -0.51 20.12
CA LEU A 276 -3.78 0.71 20.04
C LEU A 276 -4.85 0.77 21.14
N TRP A 277 -5.18 -0.40 21.71
CA TRP A 277 -6.18 -0.54 22.77
C TRP A 277 -5.65 -0.10 24.13
N SER A 278 -4.33 0.05 24.23
CA SER A 278 -3.67 0.43 25.47
C SER A 278 -3.46 1.94 25.56
N ALA A 279 -2.57 2.35 26.46
CA ALA A 279 -2.08 3.72 26.52
C ALA A 279 -1.61 4.25 25.15
N ILE A 280 -1.16 3.36 24.26
CA ILE A 280 -0.71 3.75 22.93
C ILE A 280 -1.84 4.45 22.15
N GLY A 281 -3.08 4.15 22.52
CA GLY A 281 -4.23 4.81 21.91
C GLY A 281 -4.53 6.21 22.43
N LEU A 282 -3.64 6.78 23.24
CA LEU A 282 -3.92 8.11 23.80
C LEU A 282 -4.23 9.17 22.74
N SER A 283 -3.51 9.17 21.62
CA SER A 283 -3.80 10.12 20.55
C SER A 283 -5.19 9.91 19.93
N ILE A 284 -5.67 8.67 19.91
CA ILE A 284 -7.05 8.41 19.48
C ILE A 284 -8.02 9.11 20.44
N ALA A 285 -7.87 8.82 21.73
CA ALA A 285 -8.76 9.38 22.76
C ALA A 285 -8.71 10.90 22.82
N LEU A 286 -7.53 11.48 22.63
CA LEU A 286 -7.41 12.93 22.59
C LEU A 286 -8.13 13.53 21.39
N HIS A 287 -8.02 12.87 20.24
CA HIS A 287 -8.58 13.37 18.99
C HIS A 287 -10.09 13.24 18.91
N VAL A 288 -10.62 12.07 19.25
CA VAL A 288 -12.06 11.81 19.15
C VAL A 288 -12.81 11.82 20.49
N GLY A 289 -12.07 11.91 21.58
CA GLY A 289 -12.68 11.90 22.91
C GLY A 289 -12.61 10.52 23.54
N PHE A 290 -12.52 10.51 24.86
CA PHE A 290 -12.41 9.24 25.59
C PHE A 290 -13.66 8.35 25.46
N ASP A 291 -14.84 8.97 25.41
CA ASP A 291 -16.08 8.22 25.24
C ASP A 291 -16.04 7.38 23.95
N HIS A 292 -15.57 7.97 22.86
CA HIS A 292 -15.47 7.25 21.59
C HIS A 292 -14.38 6.19 21.64
N PHE A 293 -13.30 6.45 22.38
CA PHE A 293 -12.26 5.45 22.59
C PHE A 293 -12.81 4.25 23.35
N GLU A 294 -13.62 4.52 24.38
CA GLU A 294 -14.30 3.46 25.12
C GLU A 294 -15.22 2.62 24.24
N GLN A 295 -15.90 3.27 23.29
CA GLN A 295 -16.76 2.58 22.34
C GLN A 295 -15.95 1.66 21.43
N LEU A 296 -14.80 2.14 20.99
CA LEU A 296 -13.84 1.33 20.23
C LEU A 296 -13.43 0.07 20.99
N LEU A 297 -13.03 0.24 22.25
CA LEU A 297 -12.71 -0.89 23.12
C LEU A 297 -13.90 -1.85 23.27
N SER A 298 -15.10 -1.29 23.43
CA SER A 298 -16.31 -2.09 23.62
C SER A 298 -16.64 -2.94 22.40
N GLY A 299 -16.41 -2.40 21.21
CA GLY A 299 -16.60 -3.14 19.97
C GLY A 299 -15.64 -4.31 19.87
N ALA A 300 -14.37 -4.07 20.20
CA ALA A 300 -13.40 -5.14 20.25
C ALA A 300 -13.82 -6.21 21.26
N HIS A 301 -14.28 -5.78 22.42
CA HIS A 301 -14.74 -6.70 23.46
C HIS A 301 -15.89 -7.59 22.98
N TRP A 302 -16.83 -6.99 22.23
CA TRP A 302 -17.92 -7.77 21.65
C TRP A 302 -17.36 -8.88 20.76
N MET A 303 -16.43 -8.52 19.88
CA MET A 303 -15.82 -9.50 18.98
C MET A 303 -14.99 -10.54 19.73
N ASP A 304 -14.33 -10.13 20.81
CA ASP A 304 -13.58 -11.06 21.65
C ASP A 304 -14.53 -12.13 22.19
N GLN A 305 -15.69 -11.69 22.67
CA GLN A 305 -16.70 -12.60 23.22
C GLN A 305 -17.29 -13.51 22.14
N HIS A 306 -17.46 -12.97 20.93
CA HIS A 306 -17.91 -13.76 19.79
C HIS A 306 -16.91 -14.88 19.52
N PHE A 307 -15.63 -14.51 19.47
CA PHE A 307 -14.55 -15.46 19.22
C PHE A 307 -14.48 -16.53 20.30
N LEU A 308 -14.65 -16.12 21.56
CA LEU A 308 -14.53 -16.99 22.71
C LEU A 308 -15.67 -18.01 22.86
N LYS A 309 -16.88 -17.60 22.51
CA LYS A 309 -18.08 -18.36 22.88
C LYS A 309 -18.81 -19.05 21.72
N THR A 310 -18.44 -18.73 20.49
CA THR A 310 -19.17 -19.23 19.33
C THR A 310 -18.57 -20.53 18.78
N PRO A 311 -19.42 -21.52 18.49
CA PRO A 311 -18.97 -22.75 17.82
C PRO A 311 -18.16 -22.41 16.57
N LEU A 312 -17.10 -23.17 16.31
CA LEU A 312 -16.17 -22.86 15.22
C LEU A 312 -16.84 -22.66 13.85
N GLU A 313 -17.85 -23.47 13.56
CA GLU A 313 -18.55 -23.43 12.28
C GLU A 313 -19.32 -22.13 12.02
N LYS A 314 -19.52 -21.35 13.07
CA LYS A 314 -20.27 -20.08 12.98
C LYS A 314 -19.46 -18.91 13.54
N ASN A 315 -18.16 -19.10 13.66
CA ASN A 315 -17.27 -18.18 14.36
C ASN A 315 -16.50 -17.36 13.31
N ALA A 316 -16.82 -16.07 13.21
CA ALA A 316 -16.33 -15.25 12.10
C ALA A 316 -14.82 -15.22 11.90
N PRO A 317 -14.01 -14.87 12.91
CA PRO A 317 -12.56 -14.89 12.73
C PRO A 317 -12.02 -16.28 12.41
N VAL A 318 -12.65 -17.33 12.95
CA VAL A 318 -12.23 -18.70 12.64
C VAL A 318 -12.47 -19.03 11.17
N LEU A 319 -13.66 -18.70 10.67
CA LEU A 319 -13.98 -18.99 9.27
C LEU A 319 -13.08 -18.22 8.31
N LEU A 320 -12.85 -16.94 8.60
CA LEU A 320 -11.93 -16.14 7.80
C LEU A 320 -10.53 -16.74 7.79
N ALA A 321 -10.08 -17.20 8.95
CA ALA A 321 -8.78 -17.85 9.06
C ALA A 321 -8.70 -19.13 8.23
N LEU A 322 -9.74 -19.95 8.31
CA LEU A 322 -9.79 -21.22 7.60
C LEU A 322 -9.83 -21.05 6.08
N LEU A 323 -10.60 -20.06 5.62
CA LEU A 323 -10.60 -19.74 4.19
C LEU A 323 -9.20 -19.34 3.73
N GLY A 324 -8.51 -18.55 4.55
CA GLY A 324 -7.14 -18.16 4.26
C GLY A 324 -6.19 -19.36 4.16
N ILE A 325 -6.32 -20.30 5.09
CA ILE A 325 -5.52 -21.54 5.06
C ILE A 325 -5.76 -22.32 3.77
N TRP A 326 -7.02 -22.42 3.39
CA TRP A 326 -7.43 -23.07 2.14
C TRP A 326 -6.69 -22.44 0.95
N TYR A 327 -6.69 -21.12 0.87
CA TYR A 327 -6.03 -20.45 -0.25
C TYR A 327 -4.51 -20.46 -0.18
N ILE A 328 -3.97 -20.39 1.04
CA ILE A 328 -2.53 -20.35 1.25
C ILE A 328 -1.90 -21.73 1.09
N ASN A 329 -2.43 -22.70 1.82
CA ASN A 329 -1.78 -24.01 1.91
C ASN A 329 -2.26 -25.03 0.89
N CYS A 330 -3.41 -24.78 0.27
CA CYS A 330 -3.90 -25.68 -0.77
C CYS A 330 -3.79 -25.08 -2.18
N TYR A 331 -4.25 -23.84 -2.35
CA TYR A 331 -4.11 -23.15 -3.65
C TYR A 331 -2.73 -22.50 -3.86
N GLY A 332 -2.01 -22.23 -2.78
CA GLY A 332 -0.69 -21.62 -2.88
C GLY A 332 -0.66 -20.13 -3.19
N CYS A 333 -1.70 -19.41 -2.80
CA CYS A 333 -1.77 -17.96 -3.04
C CYS A 333 -0.86 -17.20 -2.09
N GLU A 334 0.06 -16.41 -2.65
CA GLU A 334 1.02 -15.66 -1.84
C GLU A 334 0.39 -14.50 -1.10
N THR A 335 -0.68 -13.93 -1.65
CA THR A 335 -1.19 -12.66 -1.13
C THR A 335 -2.64 -12.67 -0.71
N HIS A 336 -3.02 -11.63 0.01
CA HIS A 336 -4.36 -11.41 0.47
C HIS A 336 -4.62 -9.92 0.38
N ALA A 337 -5.64 -9.52 -0.40
CA ALA A 337 -5.95 -8.11 -0.60
C ALA A 337 -7.07 -7.65 0.33
N LEU A 338 -6.86 -6.51 0.97
CA LEU A 338 -7.90 -5.87 1.79
C LEU A 338 -8.34 -4.60 1.08
N LEU A 339 -9.62 -4.56 0.72
CA LEU A 339 -10.15 -3.52 -0.15
C LEU A 339 -11.38 -2.84 0.47
N PRO A 340 -11.17 -1.92 1.39
CA PRO A 340 -12.28 -1.20 2.02
C PRO A 340 -12.82 -0.10 1.11
N TYR A 341 -14.13 -0.13 0.89
CA TYR A 341 -14.76 0.89 0.06
C TYR A 341 -15.14 2.08 0.92
N ASP A 342 -14.11 2.75 1.42
CA ASP A 342 -14.27 3.80 2.41
C ASP A 342 -12.97 4.58 2.49
N GLN A 343 -13.04 5.86 2.12
CA GLN A 343 -11.90 6.76 2.14
C GLN A 343 -11.32 6.94 3.54
N TYR A 344 -12.18 6.99 4.56
CA TYR A 344 -11.71 7.12 5.94
C TYR A 344 -10.84 5.91 6.34
N MET A 345 -11.14 4.75 5.74
CA MET A 345 -10.39 3.51 5.99
C MET A 345 -9.14 3.39 5.12
N HIS A 346 -8.62 4.51 4.62
CA HIS A 346 -7.52 4.45 3.66
C HIS A 346 -6.22 3.86 4.21
N ARG A 347 -6.10 3.74 5.53
CA ARG A 347 -4.91 3.12 6.13
C ARG A 347 -5.18 1.76 6.79
N PHE A 348 -6.39 1.25 6.57
CA PHE A 348 -6.81 -0.04 7.13
C PHE A 348 -5.96 -1.20 6.59
N ALA A 349 -5.79 -1.24 5.27
CA ALA A 349 -4.97 -2.29 4.63
C ALA A 349 -3.53 -2.24 5.13
N ALA A 350 -2.96 -1.03 5.22
CA ALA A 350 -1.59 -0.86 5.71
C ALA A 350 -1.44 -1.34 7.16
N TYR A 351 -2.44 -1.09 7.98
CA TYR A 351 -2.44 -1.52 9.37
C TYR A 351 -2.34 -3.05 9.48
N PHE A 352 -3.16 -3.76 8.71
CA PHE A 352 -3.13 -5.22 8.76
C PHE A 352 -2.02 -5.83 7.92
N GLN A 353 -1.46 -5.04 7.02
CA GLN A 353 -0.20 -5.42 6.40
C GLN A 353 0.82 -5.63 7.52
N GLN A 354 0.89 -4.71 8.47
CA GLN A 354 1.73 -4.91 9.64
C GLN A 354 1.20 -6.04 10.54
N GLY A 355 -0.05 -5.93 10.97
CA GLY A 355 -0.61 -6.87 11.93
C GLY A 355 -0.50 -8.33 11.51
N ASP A 356 -0.80 -8.59 10.25
CA ASP A 356 -0.76 -9.94 9.70
C ASP A 356 0.67 -10.36 9.43
N MET A 357 1.39 -9.61 8.61
CA MET A 357 2.71 -10.03 8.14
C MET A 357 3.76 -10.11 9.25
N GLU A 358 3.71 -9.19 10.21
CA GLU A 358 4.63 -9.24 11.33
C GLU A 358 4.31 -10.37 12.31
N SER A 359 3.03 -10.71 12.40
CA SER A 359 2.62 -11.83 13.26
C SER A 359 2.99 -13.17 12.67
N ASN A 360 2.61 -13.40 11.41
CA ASN A 360 2.69 -14.74 10.84
C ASN A 360 3.72 -14.94 9.74
N GLY A 361 4.55 -13.93 9.51
CA GLY A 361 5.72 -14.07 8.66
C GLY A 361 6.82 -14.75 9.44
N LYS A 362 6.64 -16.06 9.64
CA LYS A 362 7.48 -16.87 10.53
C LYS A 362 7.78 -18.20 9.86
N TYR A 363 8.89 -18.83 10.26
CA TYR A 363 9.18 -20.16 9.70
C TYR A 363 9.66 -21.23 10.69
N ILE A 364 9.69 -20.90 11.98
CA ILE A 364 10.00 -21.89 13.02
C ILE A 364 8.76 -22.18 13.86
N THR A 365 8.48 -23.45 14.09
CA THR A 365 7.32 -23.86 14.88
C THR A 365 7.63 -24.04 16.37
N LYS A 366 6.58 -24.27 17.15
CA LYS A 366 6.70 -24.49 18.59
C LYS A 366 7.64 -25.65 18.93
N SER A 367 7.70 -26.63 18.05
CA SER A 367 8.56 -27.80 18.25
C SER A 367 10.01 -27.54 17.87
N GLY A 368 10.27 -26.38 17.27
CA GLY A 368 11.60 -26.02 16.79
C GLY A 368 11.83 -26.44 15.35
N ALA A 369 10.81 -27.03 14.73
CA ALA A 369 10.89 -27.47 13.35
C ALA A 369 10.75 -26.30 12.38
N ARG A 370 11.53 -26.34 11.30
CA ARG A 370 11.33 -25.41 10.20
C ARG A 370 10.11 -25.85 9.40
N VAL A 371 9.20 -24.91 9.15
CA VAL A 371 7.99 -25.23 8.38
C VAL A 371 8.34 -25.77 7.00
N ASP A 372 7.57 -26.76 6.55
CA ASP A 372 7.68 -27.26 5.18
C ASP A 372 6.39 -26.95 4.44
N HIS A 373 5.84 -25.80 4.77
CA HIS A 373 4.61 -25.29 4.17
C HIS A 373 4.64 -23.78 4.29
N GLN A 374 3.74 -23.13 3.58
CA GLN A 374 3.61 -21.68 3.63
C GLN A 374 3.03 -21.22 4.95
N THR A 375 3.47 -20.05 5.42
CA THR A 375 2.81 -19.36 6.52
C THR A 375 2.17 -18.07 6.01
N GLY A 376 2.33 -16.97 6.74
CA GLY A 376 1.58 -15.75 6.48
C GLY A 376 1.67 -15.21 5.06
N PRO A 377 0.58 -14.67 4.54
CA PRO A 377 0.59 -14.10 3.18
C PRO A 377 1.08 -12.66 3.18
N ILE A 378 1.38 -12.16 1.98
CA ILE A 378 1.64 -10.74 1.80
C ILE A 378 0.29 -10.04 1.72
N VAL A 379 0.08 -9.09 2.64
CA VAL A 379 -1.18 -8.37 2.74
C VAL A 379 -1.00 -7.00 2.12
N TRP A 380 -1.98 -6.58 1.31
CA TRP A 380 -1.87 -5.33 0.58
C TRP A 380 -3.27 -4.82 0.21
N GLY A 381 -3.35 -3.61 -0.34
CA GLY A 381 -4.62 -3.08 -0.80
C GLY A 381 -4.70 -1.57 -0.72
N GLU A 382 -5.73 -1.03 -1.36
CA GLU A 382 -6.06 0.39 -1.30
C GLU A 382 -7.57 0.47 -1.28
N PRO A 383 -8.13 1.56 -0.75
CA PRO A 383 -9.60 1.72 -0.75
C PRO A 383 -10.23 1.78 -2.14
N GLY A 384 -11.43 1.21 -2.26
CA GLY A 384 -12.24 1.37 -3.46
C GLY A 384 -12.91 2.73 -3.42
N THR A 385 -13.22 3.32 -4.58
CA THR A 385 -13.17 2.66 -5.89
C THR A 385 -11.83 2.79 -6.62
N ASN A 386 -10.93 3.58 -6.06
CA ASN A 386 -9.67 3.89 -6.74
C ASN A 386 -8.94 2.68 -7.31
N GLY A 387 -8.97 1.57 -6.56
CA GLY A 387 -8.30 0.35 -6.95
C GLY A 387 -8.77 -0.20 -8.30
N GLN A 388 -10.06 -0.02 -8.58
CA GLN A 388 -10.65 -0.42 -9.86
C GLN A 388 -9.96 0.22 -11.06
N HIS A 389 -9.37 1.38 -10.82
CA HIS A 389 -8.68 2.14 -11.86
C HIS A 389 -7.17 2.01 -11.74
N ALA A 390 -6.70 1.48 -10.60
CA ALA A 390 -5.27 1.27 -10.37
C ALA A 390 -4.80 -0.14 -10.74
N PHE A 391 -5.29 -1.15 -10.02
CA PHE A 391 -4.72 -2.50 -10.13
C PHE A 391 -5.72 -3.65 -10.32
N TYR A 392 -7.01 -3.34 -10.39
CA TYR A 392 -8.00 -4.42 -10.56
C TYR A 392 -7.87 -5.11 -11.92
N GLN A 393 -7.27 -4.44 -12.90
CA GLN A 393 -6.94 -5.08 -14.18
C GLN A 393 -6.26 -6.43 -13.95
N LEU A 394 -5.28 -6.45 -13.05
CA LEU A 394 -4.54 -7.67 -12.77
C LEU A 394 -5.38 -8.69 -12.01
N ILE A 395 -6.20 -8.22 -11.08
CA ILE A 395 -7.07 -9.12 -10.32
C ILE A 395 -8.03 -9.84 -11.28
N HIS A 396 -8.56 -9.10 -12.25
CA HIS A 396 -9.52 -9.65 -13.20
C HIS A 396 -8.91 -10.48 -14.32
N GLN A 397 -7.77 -10.05 -14.85
CA GLN A 397 -7.22 -10.64 -16.09
C GLN A 397 -5.72 -10.94 -16.05
N GLY A 398 -5.14 -10.97 -14.85
CA GLY A 398 -3.76 -11.39 -14.69
C GLY A 398 -3.61 -12.89 -14.54
N THR A 399 -2.47 -13.32 -14.02
CA THR A 399 -2.19 -14.75 -13.89
C THR A 399 -2.05 -15.18 -12.44
N LYS A 400 -2.54 -14.34 -11.53
CA LYS A 400 -2.46 -14.59 -10.09
C LYS A 400 -3.84 -14.82 -9.49
N MET A 401 -3.91 -15.79 -8.59
CA MET A 401 -5.08 -15.96 -7.74
C MET A 401 -4.89 -15.13 -6.47
N ILE A 402 -5.84 -14.23 -6.22
CA ILE A 402 -5.73 -13.24 -5.14
C ILE A 402 -7.01 -13.17 -4.33
N PRO A 403 -7.07 -13.88 -3.20
CA PRO A 403 -8.22 -13.74 -2.30
C PRO A 403 -8.36 -12.28 -1.88
N CYS A 404 -9.58 -11.73 -1.99
CA CYS A 404 -9.83 -10.34 -1.62
C CYS A 404 -10.93 -10.26 -0.58
N ASP A 405 -10.73 -9.42 0.43
CA ASP A 405 -11.80 -9.00 1.33
C ASP A 405 -12.28 -7.62 0.93
N PHE A 406 -13.54 -7.53 0.54
CA PHE A 406 -14.18 -6.26 0.22
C PHE A 406 -14.97 -5.81 1.45
N LEU A 407 -14.75 -4.58 1.90
CA LEU A 407 -15.43 -4.06 3.11
C LEU A 407 -16.14 -2.75 2.80
N ILE A 408 -17.31 -2.54 3.39
CA ILE A 408 -18.03 -1.27 3.24
C ILE A 408 -19.06 -1.06 4.35
N PRO A 409 -19.22 0.18 4.81
CA PRO A 409 -20.39 0.54 5.63
C PRO A 409 -21.63 0.82 4.77
N VAL A 410 -22.79 0.37 5.25
CA VAL A 410 -24.06 0.65 4.60
C VAL A 410 -24.35 2.15 4.65
N GLN A 411 -24.15 2.75 5.82
CA GLN A 411 -24.39 4.17 6.05
C GLN A 411 -23.10 4.96 5.95
N THR A 412 -23.11 6.00 5.14
CA THR A 412 -21.96 6.89 5.01
C THR A 412 -22.00 8.01 6.04
N GLN A 413 -20.81 8.49 6.41
CA GLN A 413 -20.67 9.64 7.30
C GLN A 413 -21.03 10.95 6.58
N HIS A 414 -21.04 10.91 5.24
CA HIS A 414 -21.30 12.10 4.43
C HIS A 414 -22.29 11.81 3.31
N PRO A 415 -23.58 11.75 3.63
CA PRO A 415 -24.61 11.42 2.63
C PRO A 415 -24.95 12.61 1.72
N ILE A 416 -23.92 13.14 1.07
CA ILE A 416 -24.08 14.30 0.18
C ILE A 416 -24.88 13.93 -1.07
N ARG A 417 -25.42 14.96 -1.73
CA ARG A 417 -26.24 14.79 -2.94
C ARG A 417 -27.35 13.75 -2.75
N LYS A 418 -28.01 13.81 -1.60
CA LYS A 418 -29.10 12.90 -1.25
C LYS A 418 -28.72 11.42 -1.37
N GLY A 419 -27.45 11.13 -1.08
CA GLY A 419 -26.95 9.76 -1.10
C GLY A 419 -26.39 9.27 -2.42
N LEU A 420 -26.29 10.15 -3.41
CA LEU A 420 -25.84 9.77 -4.76
C LEU A 420 -24.45 9.13 -4.79
N HIS A 421 -23.49 9.76 -4.11
CA HIS A 421 -22.12 9.24 -4.07
C HIS A 421 -22.08 7.85 -3.45
N HIS A 422 -22.77 7.68 -2.32
CA HIS A 422 -22.77 6.38 -1.65
C HIS A 422 -23.48 5.29 -2.43
N LYS A 423 -24.53 5.66 -3.15
CA LYS A 423 -25.21 4.73 -4.05
C LYS A 423 -24.24 4.17 -5.08
N ILE A 424 -23.47 5.04 -5.72
CA ILE A 424 -22.49 4.63 -6.72
C ILE A 424 -21.38 3.79 -6.07
N LEU A 425 -20.92 4.19 -4.89
CA LEU A 425 -19.91 3.43 -4.17
C LEU A 425 -20.37 2.02 -3.87
N LEU A 426 -21.58 1.89 -3.34
CA LEU A 426 -22.16 0.58 -3.05
C LEU A 426 -22.32 -0.27 -4.31
N ALA A 427 -22.79 0.36 -5.40
CA ALA A 427 -22.98 -0.36 -6.66
C ALA A 427 -21.67 -0.98 -7.16
N ASN A 428 -20.57 -0.23 -7.04
CA ASN A 428 -19.26 -0.71 -7.43
C ASN A 428 -18.74 -1.81 -6.50
N PHE A 429 -18.94 -1.64 -5.20
CA PHE A 429 -18.59 -2.65 -4.20
C PHE A 429 -19.23 -4.00 -4.56
N LEU A 430 -20.52 -3.96 -4.89
CA LEU A 430 -21.28 -5.17 -5.21
C LEU A 430 -20.89 -5.74 -6.57
N ALA A 431 -20.76 -4.87 -7.55
CA ALA A 431 -20.47 -5.28 -8.93
C ALA A 431 -19.11 -5.94 -9.07
N GLN A 432 -18.13 -5.46 -8.32
CA GLN A 432 -16.77 -5.98 -8.47
C GLN A 432 -16.66 -7.43 -8.03
N THR A 433 -17.27 -7.78 -6.89
CA THR A 433 -17.23 -9.17 -6.43
C THR A 433 -18.09 -10.05 -7.33
N GLU A 434 -19.22 -9.51 -7.79
CA GLU A 434 -20.05 -10.22 -8.77
C GLU A 434 -19.25 -10.52 -10.04
N ALA A 435 -18.54 -9.51 -10.53
CA ALA A 435 -17.70 -9.66 -11.73
C ALA A 435 -16.57 -10.67 -11.56
N LEU A 436 -15.90 -10.59 -10.41
CA LEU A 436 -14.79 -11.51 -10.13
C LEU A 436 -15.28 -12.95 -10.09
N MET A 437 -16.47 -13.15 -9.53
CA MET A 437 -17.11 -14.45 -9.46
C MET A 437 -17.53 -14.96 -10.84
N LYS A 438 -18.31 -14.14 -11.54
CA LYS A 438 -19.03 -14.55 -12.75
C LYS A 438 -18.12 -14.66 -13.98
N GLY A 439 -17.26 -13.66 -14.15
CA GLY A 439 -16.50 -13.52 -15.37
C GLY A 439 -17.41 -13.30 -16.58
N LYS A 440 -16.86 -13.56 -17.76
CA LYS A 440 -17.56 -13.37 -19.03
C LYS A 440 -17.02 -14.39 -20.03
N LEU A 441 -17.88 -15.32 -20.44
CA LEU A 441 -17.49 -16.41 -21.33
C LEU A 441 -17.20 -15.90 -22.74
N PRO A 442 -16.36 -16.62 -23.50
CA PRO A 442 -16.10 -16.27 -24.90
C PRO A 442 -17.39 -16.04 -25.69
N GLU A 443 -18.39 -16.90 -25.51
CA GLU A 443 -19.65 -16.74 -26.22
C GLU A 443 -20.42 -15.49 -25.80
N GLU A 444 -20.31 -15.10 -24.54
CA GLU A 444 -20.92 -13.88 -24.05
C GLU A 444 -20.22 -12.65 -24.62
N ALA A 445 -18.89 -12.68 -24.64
CA ALA A 445 -18.10 -11.61 -25.23
C ALA A 445 -18.32 -11.50 -26.76
N ARG A 446 -18.43 -12.65 -27.42
CA ARG A 446 -18.69 -12.70 -28.86
C ARG A 446 -19.99 -11.99 -29.21
N LYS A 447 -21.04 -12.28 -28.47
CA LYS A 447 -22.36 -11.66 -28.68
C LYS A 447 -22.32 -10.15 -28.48
N GLU A 448 -21.54 -9.71 -27.49
CA GLU A 448 -21.37 -8.28 -27.23
C GLU A 448 -20.66 -7.58 -28.38
N LEU A 449 -19.61 -8.21 -28.91
CA LEU A 449 -18.85 -7.65 -30.01
C LEU A 449 -19.67 -7.62 -31.31
N GLN A 450 -20.47 -8.66 -31.52
CA GLN A 450 -21.38 -8.73 -32.66
C GLN A 450 -22.40 -7.59 -32.63
N ALA A 451 -22.97 -7.33 -31.45
CA ALA A 451 -23.95 -6.27 -31.27
C ALA A 451 -23.34 -4.89 -31.46
N ALA A 452 -22.05 -4.75 -31.12
CA ALA A 452 -21.32 -3.49 -31.26
C ALA A 452 -21.00 -3.13 -32.71
N GLY A 453 -21.19 -4.09 -33.62
CA GLY A 453 -21.00 -3.86 -35.04
C GLY A 453 -19.62 -4.22 -35.58
N LYS A 454 -18.88 -5.02 -34.82
CA LYS A 454 -17.54 -5.44 -35.23
C LYS A 454 -17.59 -6.42 -36.40
N SER A 455 -16.68 -6.24 -37.35
CA SER A 455 -16.52 -7.15 -38.49
C SER A 455 -15.96 -8.48 -38.01
N PRO A 456 -16.21 -9.57 -38.76
CA PRO A 456 -15.66 -10.89 -38.41
C PRO A 456 -14.16 -10.86 -38.07
N GLU A 457 -13.39 -10.05 -38.81
CA GLU A 457 -11.95 -9.92 -38.57
C GLU A 457 -11.65 -9.19 -37.26
N ASP A 458 -12.32 -8.05 -37.05
CA ASP A 458 -12.12 -7.23 -35.86
C ASP A 458 -12.60 -7.94 -34.60
N LEU A 459 -13.72 -8.67 -34.73
CA LEU A 459 -14.27 -9.45 -33.62
C LEU A 459 -13.28 -10.52 -33.17
N GLU A 460 -12.80 -11.32 -34.11
CA GLU A 460 -11.88 -12.42 -33.83
C GLU A 460 -10.58 -11.93 -33.19
N LYS A 461 -10.11 -10.77 -33.66
CA LYS A 461 -8.90 -10.14 -33.13
C LYS A 461 -9.06 -9.70 -31.69
N LEU A 462 -10.23 -9.14 -31.37
CA LEU A 462 -10.50 -8.58 -30.04
C LEU A 462 -11.00 -9.59 -29.03
N LEU A 463 -11.72 -10.60 -29.51
CA LEU A 463 -12.44 -11.56 -28.66
C LEU A 463 -11.70 -12.05 -27.41
N PRO A 464 -10.52 -12.69 -27.56
CA PRO A 464 -9.85 -13.28 -26.39
C PRO A 464 -9.51 -12.25 -25.31
N HIS A 465 -9.21 -11.01 -25.72
CA HIS A 465 -8.90 -9.92 -24.79
C HIS A 465 -10.10 -9.49 -23.95
N LYS A 466 -11.30 -9.78 -24.44
CA LYS A 466 -12.54 -9.37 -23.79
C LYS A 466 -13.12 -10.44 -22.86
N VAL A 467 -12.48 -11.59 -22.80
CA VAL A 467 -12.94 -12.72 -22.00
C VAL A 467 -12.44 -12.55 -20.56
N PHE A 468 -13.33 -12.79 -19.61
CA PHE A 468 -13.00 -12.77 -18.19
C PHE A 468 -13.20 -14.18 -17.67
N GLU A 469 -12.13 -14.81 -17.22
CA GLU A 469 -12.21 -16.20 -16.78
C GLU A 469 -13.02 -16.37 -15.49
N GLY A 470 -13.06 -15.31 -14.67
CA GLY A 470 -13.84 -15.33 -13.45
C GLY A 470 -13.35 -16.37 -12.46
N ASN A 471 -14.27 -16.87 -11.65
CA ASN A 471 -13.97 -17.86 -10.61
C ASN A 471 -12.95 -17.34 -9.60
N ARG A 472 -12.98 -16.02 -9.39
CA ARG A 472 -12.06 -15.35 -8.49
C ARG A 472 -12.78 -15.07 -7.17
N PRO A 473 -12.33 -15.71 -6.10
CA PRO A 473 -13.07 -15.71 -4.83
C PRO A 473 -12.89 -14.44 -4.01
N THR A 474 -13.96 -14.02 -3.33
CA THR A 474 -13.93 -12.86 -2.44
C THR A 474 -14.75 -13.12 -1.19
N ASN A 475 -14.41 -12.37 -0.14
CA ASN A 475 -15.30 -12.16 1.00
C ASN A 475 -15.91 -10.77 0.85
N SER A 476 -17.16 -10.62 1.25
CA SER A 476 -17.77 -9.30 1.39
C SER A 476 -18.15 -9.11 2.85
N ILE A 477 -17.59 -8.05 3.46
CA ILE A 477 -17.85 -7.72 4.84
C ILE A 477 -18.55 -6.37 4.88
N VAL A 478 -19.83 -6.40 5.24
CA VAL A 478 -20.68 -5.22 5.19
C VAL A 478 -21.20 -4.95 6.60
N PHE A 479 -21.18 -3.69 7.00
CA PHE A 479 -21.56 -3.33 8.36
C PHE A 479 -22.41 -2.07 8.33
N THR A 480 -23.26 -1.92 9.34
CA THR A 480 -24.25 -0.85 9.35
C THR A 480 -23.65 0.54 9.12
N LYS A 481 -22.59 0.84 9.86
CA LYS A 481 -21.93 2.15 9.81
C LYS A 481 -20.55 1.98 10.42
N LEU A 482 -19.58 2.76 9.97
CA LEU A 482 -18.26 2.71 10.59
C LEU A 482 -18.19 3.67 11.78
N THR A 483 -18.78 3.22 12.88
CA THR A 483 -18.73 3.91 14.17
C THR A 483 -17.49 3.44 14.92
N PRO A 484 -17.10 4.13 16.00
CA PRO A 484 -16.01 3.62 16.83
C PRO A 484 -16.24 2.16 17.27
N PHE A 485 -17.44 1.82 17.72
CA PHE A 485 -17.76 0.45 18.13
C PHE A 485 -17.53 -0.56 17.02
N ILE A 486 -18.13 -0.31 15.86
CA ILE A 486 -18.02 -1.27 14.75
C ILE A 486 -16.56 -1.39 14.26
N LEU A 487 -15.83 -0.27 14.21
CA LEU A 487 -14.43 -0.33 13.84
C LEU A 487 -13.66 -1.21 14.82
N GLY A 488 -13.93 -1.06 16.11
CA GLY A 488 -13.28 -1.88 17.13
C GLY A 488 -13.53 -3.37 16.92
N ALA A 489 -14.77 -3.70 16.58
CA ALA A 489 -15.15 -5.09 16.30
C ALA A 489 -14.44 -5.63 15.07
N LEU A 490 -14.33 -4.81 14.03
CA LEU A 490 -13.66 -5.21 12.79
C LEU A 490 -12.16 -5.46 12.99
N ILE A 491 -11.50 -4.58 13.73
CA ILE A 491 -10.07 -4.76 14.00
C ILE A 491 -9.84 -6.04 14.81
N ALA A 492 -10.63 -6.22 15.86
CA ALA A 492 -10.52 -7.42 16.69
C ALA A 492 -10.77 -8.70 15.89
N MET A 493 -11.70 -8.64 14.94
CA MET A 493 -12.00 -9.81 14.11
C MET A 493 -10.78 -10.26 13.33
N TYR A 494 -10.06 -9.32 12.73
CA TYR A 494 -8.85 -9.64 11.99
C TYR A 494 -7.70 -10.04 12.91
N GLU A 495 -7.63 -9.44 14.11
CA GLU A 495 -6.64 -9.89 15.10
C GLU A 495 -6.82 -11.38 15.39
N HIS A 496 -8.06 -11.79 15.59
CA HIS A 496 -8.33 -13.18 15.91
C HIS A 496 -8.18 -14.14 14.71
N LYS A 497 -8.48 -13.65 13.51
CA LYS A 497 -8.19 -14.40 12.29
C LYS A 497 -6.69 -14.76 12.26
N ILE A 498 -5.85 -13.75 12.50
CA ILE A 498 -4.40 -13.89 12.50
C ILE A 498 -3.98 -14.89 13.58
N PHE A 499 -4.59 -14.79 14.76
CA PHE A 499 -4.32 -15.74 15.85
C PHE A 499 -4.61 -17.18 15.44
N VAL A 500 -5.78 -17.41 14.85
CA VAL A 500 -6.19 -18.76 14.47
C VAL A 500 -5.23 -19.35 13.43
N GLN A 501 -4.86 -18.56 12.44
CA GLN A 501 -3.92 -19.04 11.43
C GLN A 501 -2.57 -19.42 12.05
N GLY A 502 -2.08 -18.59 12.97
CA GLY A 502 -0.84 -18.85 13.67
C GLY A 502 -0.85 -20.16 14.44
N ILE A 503 -1.94 -20.43 15.14
CA ILE A 503 -2.07 -21.68 15.90
C ILE A 503 -2.05 -22.88 14.95
N MET A 504 -2.77 -22.75 13.84
CA MET A 504 -2.86 -23.85 12.89
C MET A 504 -1.52 -24.16 12.22
N TRP A 505 -0.71 -23.12 11.99
CA TRP A 505 0.64 -23.29 11.46
C TRP A 505 1.67 -23.67 12.53
N ASP A 506 1.26 -23.63 13.79
CA ASP A 506 2.13 -23.97 14.92
C ASP A 506 3.27 -22.95 15.12
N ILE A 507 3.02 -21.71 14.72
CA ILE A 507 4.02 -20.66 14.86
C ILE A 507 3.64 -19.70 15.98
N ASN A 508 4.60 -18.85 16.37
CA ASN A 508 4.34 -17.84 17.39
C ASN A 508 3.94 -16.54 16.70
N SER A 509 2.65 -16.20 16.79
CA SER A 509 2.14 -14.99 16.15
C SER A 509 2.56 -13.72 16.88
N PHE A 510 3.26 -13.87 18.00
CA PHE A 510 3.41 -12.75 18.92
C PHE A 510 4.82 -12.26 19.21
N ASP A 511 5.82 -12.92 18.63
CA ASP A 511 7.18 -12.40 18.67
C ASP A 511 7.51 -11.72 17.34
N GLN A 512 8.71 -11.16 17.22
CA GLN A 512 9.16 -10.54 15.97
C GLN A 512 10.67 -10.44 15.92
N TRP A 513 11.32 -11.60 15.88
CA TRP A 513 12.79 -11.65 15.92
C TRP A 513 13.47 -11.05 14.68
N GLY A 514 12.73 -10.95 13.57
CA GLY A 514 13.21 -10.26 12.39
C GLY A 514 13.18 -8.74 12.56
N VAL A 515 12.16 -8.25 13.25
CA VAL A 515 12.04 -6.84 13.60
C VAL A 515 13.10 -6.48 14.64
N GLU A 516 13.31 -7.39 15.58
CA GLU A 516 14.36 -7.26 16.60
C GLU A 516 15.75 -7.23 15.97
N LEU A 517 15.96 -7.99 14.90
CA LEU A 517 17.24 -7.98 14.19
C LEU A 517 17.47 -6.62 13.58
N GLY A 518 16.41 -6.07 12.97
CA GLY A 518 16.48 -4.79 12.28
C GLY A 518 17.03 -3.68 13.16
N LYS A 519 16.65 -3.74 14.43
CA LYS A 519 17.10 -2.76 15.42
C LYS A 519 18.56 -2.96 15.86
N GLN A 520 19.18 -4.04 15.40
CA GLN A 520 20.59 -4.34 15.71
C GLN A 520 21.52 -3.98 14.54
N LEU A 521 20.94 -3.60 13.41
CA LEU A 521 21.67 -3.59 12.12
C LEU A 521 22.44 -2.33 11.75
N ALA A 522 21.81 -1.17 11.87
CA ALA A 522 22.36 0.04 11.27
C ALA A 522 23.51 0.63 12.07
N LYS A 523 23.66 0.17 13.31
CA LYS A 523 24.65 0.70 14.25
C LYS A 523 26.08 0.59 13.74
N LYS A 524 26.38 -0.49 13.02
CA LYS A 524 27.72 -0.72 12.48
C LYS A 524 28.06 0.23 11.33
N ILE A 525 27.08 0.49 10.47
CA ILE A 525 27.30 1.34 9.30
C ILE A 525 27.34 2.83 9.62
N GLU A 526 26.59 3.23 10.65
CA GLU A 526 26.49 4.64 11.04
C GLU A 526 27.83 5.42 11.05
N PRO A 527 28.80 5.02 11.87
CA PRO A 527 30.06 5.78 11.97
C PRO A 527 30.90 5.75 10.69
N GLU A 528 30.66 4.73 9.85
CA GLU A 528 31.42 4.57 8.61
C GLU A 528 31.05 5.60 7.55
N LEU A 529 29.88 6.21 7.69
CA LEU A 529 29.43 7.23 6.75
C LEU A 529 30.16 8.55 6.94
N GLU A 530 30.65 8.78 8.16
CA GLU A 530 31.40 9.98 8.50
C GLU A 530 32.82 9.93 7.92
N GLY A 531 33.26 11.05 7.37
CA GLY A 531 34.58 11.16 6.77
C GLY A 531 34.58 10.85 5.28
N SER A 532 35.73 11.05 4.63
CA SER A 532 35.84 10.90 3.18
C SER A 532 36.47 9.58 2.75
N SER A 533 37.01 8.83 3.71
CA SER A 533 37.74 7.60 3.43
C SER A 533 36.84 6.47 2.92
N ALA A 534 37.42 5.59 2.10
CA ALA A 534 36.70 4.44 1.54
C ALA A 534 36.45 3.38 2.61
N VAL A 535 35.29 2.74 2.51
CA VAL A 535 34.91 1.65 3.41
C VAL A 535 35.10 0.33 2.67
N THR A 536 35.86 -0.58 3.30
CA THR A 536 36.14 -1.90 2.71
C THR A 536 35.66 -3.05 3.61
N SER A 537 34.97 -2.69 4.69
CA SER A 537 34.63 -3.63 5.76
C SER A 537 33.46 -4.59 5.45
N HIS A 538 32.75 -4.33 4.36
CA HIS A 538 31.58 -5.15 4.01
C HIS A 538 31.78 -5.87 2.68
N ASP A 539 30.70 -6.49 2.20
CA ASP A 539 30.64 -7.00 0.84
C ASP A 539 30.78 -5.84 -0.14
N SER A 540 31.16 -6.14 -1.39
CA SER A 540 31.45 -5.09 -2.36
C SER A 540 30.26 -4.18 -2.70
N SER A 541 29.04 -4.70 -2.56
CA SER A 541 27.83 -3.90 -2.81
C SER A 541 27.66 -2.83 -1.73
N THR A 542 27.64 -3.25 -0.48
CA THR A 542 27.58 -2.32 0.66
C THR A 542 28.72 -1.29 0.59
N ASN A 543 29.94 -1.78 0.33
CA ASN A 543 31.09 -0.90 0.15
C ASN A 543 30.88 0.11 -0.98
N GLY A 544 30.38 -0.39 -2.11
CA GLY A 544 30.19 0.41 -3.30
C GLY A 544 29.10 1.46 -3.13
N LEU A 545 28.03 1.08 -2.44
CA LEU A 545 26.94 2.01 -2.15
C LEU A 545 27.42 3.12 -1.21
N ILE A 546 28.23 2.75 -0.21
CA ILE A 546 28.81 3.74 0.70
C ILE A 546 29.72 4.70 -0.07
N SER A 547 30.52 4.17 -1.00
CA SER A 547 31.39 5.00 -1.82
C SER A 547 30.59 6.00 -2.66
N PHE A 548 29.48 5.55 -3.22
CA PHE A 548 28.59 6.42 -3.98
C PHE A 548 28.01 7.53 -3.11
N ILE A 549 27.58 7.21 -1.90
CA ILE A 549 27.06 8.21 -0.97
C ILE A 549 28.12 9.27 -0.68
N LYS A 550 29.35 8.85 -0.40
CA LYS A 550 30.42 9.77 -0.05
C LYS A 550 30.81 10.66 -1.24
N GLN A 551 30.77 10.09 -2.44
CA GLN A 551 31.12 10.82 -3.64
C GLN A 551 30.04 11.79 -4.10
N GLN A 552 28.79 11.52 -3.73
CA GLN A 552 27.65 12.29 -4.24
C GLN A 552 27.06 13.31 -3.27
N ARG A 553 27.45 13.25 -2.00
CA ARG A 553 26.76 14.05 -0.99
C ARG A 553 27.08 15.55 -0.99
N ASP A 554 28.15 15.95 -1.66
CA ASP A 554 28.55 17.36 -1.71
C ASP A 554 28.15 18.09 -3.00
N THR A 555 27.66 17.34 -3.99
CA THR A 555 27.28 17.91 -5.29
C THR A 555 26.10 18.88 -5.19
N LYS A 556 26.24 20.05 -5.80
CA LYS A 556 25.20 21.07 -5.78
C LYS A 556 24.18 20.88 -6.91
N LEU A 557 22.91 20.74 -6.53
CA LEU A 557 21.82 20.62 -7.50
C LEU A 557 20.65 21.52 -7.12
N MET B 1 1.58 -23.61 -27.08
CA MET B 1 1.99 -22.76 -25.93
C MET B 1 1.89 -21.26 -26.27
N ALA B 2 2.83 -20.48 -25.75
CA ALA B 2 2.87 -19.04 -25.98
C ALA B 2 4.23 -18.64 -26.53
N ALA B 3 4.35 -17.42 -27.04
CA ALA B 3 5.61 -16.95 -27.64
C ALA B 3 6.80 -17.09 -26.68
N LEU B 4 6.63 -16.69 -25.43
CA LEU B 4 7.74 -16.77 -24.48
C LEU B 4 8.19 -18.21 -24.22
N THR B 5 7.23 -19.08 -23.95
CA THR B 5 7.57 -20.46 -23.57
C THR B 5 8.06 -21.28 -24.76
N ARG B 6 7.73 -20.85 -25.97
CA ARG B 6 8.22 -21.49 -27.19
C ARG B 6 9.60 -20.97 -27.62
N ASN B 7 10.08 -19.95 -26.93
CA ASN B 7 11.36 -19.33 -27.25
C ASN B 7 12.51 -20.16 -26.68
N PRO B 8 13.49 -20.52 -27.52
CA PRO B 8 14.59 -21.40 -27.09
C PRO B 8 15.51 -20.76 -26.05
N GLN B 9 15.67 -19.44 -26.08
CA GLN B 9 16.46 -18.75 -25.06
C GLN B 9 15.77 -18.82 -23.70
N PHE B 10 14.44 -18.76 -23.70
CA PHE B 10 13.69 -18.92 -22.46
C PHE B 10 13.80 -20.34 -21.92
N GLN B 11 13.69 -21.32 -22.82
CA GLN B 11 13.79 -22.72 -22.44
C GLN B 11 15.16 -23.04 -21.83
N LYS B 12 16.21 -22.46 -22.43
CA LYS B 12 17.56 -22.60 -21.91
C LYS B 12 17.70 -22.00 -20.52
N LEU B 13 17.12 -20.82 -20.34
CA LEU B 13 17.14 -20.13 -19.04
C LEU B 13 16.42 -20.96 -17.97
N LEU B 14 15.25 -21.48 -18.32
CA LEU B 14 14.45 -22.28 -17.39
C LEU B 14 15.15 -23.59 -17.02
N GLU B 15 15.74 -24.25 -18.01
CA GLU B 15 16.48 -25.49 -17.77
C GLU B 15 17.70 -25.23 -16.88
N TRP B 16 18.40 -24.12 -17.14
CA TRP B 16 19.53 -23.72 -16.30
C TRP B 16 19.07 -23.49 -14.86
N HIS B 17 17.96 -22.79 -14.69
CA HIS B 17 17.40 -22.54 -13.36
C HIS B 17 17.11 -23.85 -12.62
N ARG B 18 16.44 -24.79 -13.30
CA ARG B 18 16.12 -26.09 -12.74
C ARG B 18 17.37 -26.84 -12.26
N ALA B 19 18.42 -26.80 -13.07
CA ALA B 19 19.64 -27.55 -12.79
C ALA B 19 20.59 -26.86 -11.82
N ASN B 20 20.57 -25.53 -11.78
CA ASN B 20 21.65 -24.78 -11.13
C ASN B 20 21.28 -23.74 -10.07
N SER B 21 20.02 -23.32 -10.01
CA SER B 21 19.63 -22.21 -9.13
C SER B 21 19.85 -22.50 -7.64
N ALA B 22 19.91 -23.78 -7.27
CA ALA B 22 20.23 -24.19 -5.90
C ALA B 22 21.70 -23.90 -5.55
N ASN B 23 22.54 -23.75 -6.56
CA ASN B 23 23.95 -23.42 -6.35
C ASN B 23 24.17 -21.92 -6.16
N LEU B 24 23.14 -21.12 -6.41
CA LEU B 24 23.23 -19.67 -6.27
C LEU B 24 22.99 -19.23 -4.83
N LYS B 25 24.06 -18.73 -4.22
CA LYS B 25 24.02 -18.19 -2.87
C LYS B 25 24.71 -16.84 -2.87
N LEU B 26 23.99 -15.80 -2.47
CA LEU B 26 24.50 -14.43 -2.53
C LEU B 26 25.82 -14.25 -1.81
N ARG B 27 25.91 -14.80 -0.60
CA ARG B 27 27.14 -14.73 0.20
C ARG B 27 28.34 -15.28 -0.57
N GLU B 28 28.15 -16.42 -1.22
CA GLU B 28 29.21 -17.09 -1.98
C GLU B 28 29.58 -16.33 -3.26
N LEU B 29 28.58 -15.75 -3.91
CA LEU B 29 28.80 -14.98 -5.13
C LEU B 29 29.73 -13.79 -4.89
N PHE B 30 29.51 -13.09 -3.77
CA PHE B 30 30.33 -11.95 -3.41
C PHE B 30 31.72 -12.36 -2.94
N GLU B 31 31.80 -13.45 -2.18
CA GLU B 31 33.07 -13.96 -1.69
C GLU B 31 33.99 -14.39 -2.83
N ALA B 32 33.42 -14.98 -3.87
CA ALA B 32 34.17 -15.52 -4.99
C ALA B 32 34.71 -14.45 -5.95
N ASP B 33 34.15 -13.24 -5.88
CA ASP B 33 34.40 -12.23 -6.88
C ASP B 33 34.35 -10.80 -6.29
N PRO B 34 35.51 -10.21 -5.98
CA PRO B 34 35.56 -8.86 -5.39
C PRO B 34 35.11 -7.77 -6.37
N GLU B 35 35.01 -8.11 -7.65
CA GLU B 35 34.54 -7.17 -8.67
C GLU B 35 33.02 -7.23 -8.87
N ARG B 36 32.33 -7.99 -8.02
CA ARG B 36 30.90 -8.21 -8.21
C ARG B 36 30.08 -6.91 -8.28
N PHE B 37 30.25 -6.03 -7.31
CA PHE B 37 29.56 -4.74 -7.37
C PHE B 37 29.86 -4.01 -8.68
N ASN B 38 31.15 -3.93 -9.04
CA ASN B 38 31.56 -3.23 -10.25
C ASN B 38 30.93 -3.79 -11.52
N ASN B 39 30.77 -5.11 -11.56
CA ASN B 39 30.27 -5.81 -12.73
C ASN B 39 28.75 -5.90 -12.79
N PHE B 40 28.09 -5.70 -11.65
CA PHE B 40 26.63 -5.85 -11.54
C PHE B 40 25.98 -4.57 -11.01
N SER B 41 26.46 -3.43 -11.50
CA SER B 41 25.86 -2.14 -11.18
C SER B 41 26.08 -1.16 -12.31
N LEU B 42 25.20 -0.16 -12.39
CA LEU B 42 25.31 0.90 -13.38
C LEU B 42 25.29 2.23 -12.68
N ASN B 43 26.36 3.01 -12.86
CA ASN B 43 26.44 4.35 -12.31
C ASN B 43 26.18 5.35 -13.43
N LEU B 44 24.93 5.82 -13.51
CA LEU B 44 24.51 6.70 -14.59
C LEU B 44 24.74 8.15 -14.24
N ASN B 45 25.50 8.85 -15.09
CA ASN B 45 25.68 10.29 -14.96
C ASN B 45 24.73 11.03 -15.92
N THR B 46 23.72 11.69 -15.37
CA THR B 46 22.72 12.39 -16.18
C THR B 46 23.12 13.83 -16.48
N ASN B 47 24.25 14.27 -15.92
CA ASN B 47 24.69 15.68 -15.91
C ASN B 47 23.85 16.57 -14.97
N HIS B 48 22.86 15.97 -14.32
CA HIS B 48 22.05 16.66 -13.32
C HIS B 48 21.89 15.77 -12.08
N GLY B 49 22.95 15.04 -11.77
CA GLY B 49 22.94 14.05 -10.70
C GLY B 49 23.21 12.66 -11.25
N HIS B 50 23.62 11.77 -10.35
CA HIS B 50 23.87 10.38 -10.71
C HIS B 50 22.75 9.48 -10.20
N ILE B 51 22.48 8.42 -10.96
CA ILE B 51 21.60 7.34 -10.51
C ILE B 51 22.40 6.06 -10.55
N LEU B 52 22.60 5.47 -9.37
CA LEU B 52 23.28 4.19 -9.26
C LEU B 52 22.24 3.08 -9.16
N VAL B 53 22.24 2.21 -10.16
CA VAL B 53 21.38 1.01 -10.13
C VAL B 53 22.27 -0.17 -9.77
N ASP B 54 22.23 -0.55 -8.50
CA ASP B 54 23.03 -1.65 -7.98
C ASP B 54 22.19 -2.91 -7.95
N TYR B 55 22.45 -3.80 -8.90
CA TYR B 55 21.70 -5.06 -8.98
C TYR B 55 22.55 -6.25 -8.56
N SER B 56 23.63 -5.98 -7.81
CA SER B 56 24.58 -7.03 -7.44
C SER B 56 24.08 -8.01 -6.38
N LYS B 57 23.16 -7.56 -5.52
CA LYS B 57 22.60 -8.45 -4.50
C LYS B 57 21.44 -9.29 -5.05
N ASN B 58 21.56 -9.70 -6.32
CA ASN B 58 20.58 -10.56 -6.96
C ASN B 58 21.14 -11.95 -7.20
N LEU B 59 20.24 -12.93 -7.29
CA LEU B 59 20.62 -14.32 -7.49
C LEU B 59 20.95 -14.58 -8.95
N VAL B 60 22.01 -13.92 -9.42
CA VAL B 60 22.45 -14.02 -10.81
C VAL B 60 23.96 -14.14 -10.90
N SER B 61 24.42 -14.89 -11.90
CA SER B 61 25.81 -14.92 -12.27
C SER B 61 25.97 -14.23 -13.62
N LYS B 62 27.21 -14.07 -14.07
CA LYS B 62 27.50 -13.57 -15.42
C LYS B 62 26.71 -14.34 -16.48
N GLU B 63 26.73 -15.67 -16.39
CA GLU B 63 26.03 -16.54 -17.33
C GLU B 63 24.52 -16.30 -17.35
N VAL B 64 23.94 -16.09 -16.17
CA VAL B 64 22.50 -15.83 -16.08
C VAL B 64 22.15 -14.51 -16.77
N MET B 65 22.92 -13.47 -16.49
CA MET B 65 22.69 -12.17 -17.12
C MET B 65 22.81 -12.26 -18.64
N GLN B 66 23.79 -13.03 -19.11
CA GLN B 66 23.98 -13.26 -20.54
C GLN B 66 22.76 -13.94 -21.15
N MET B 67 22.25 -14.96 -20.49
CA MET B 67 21.06 -15.68 -20.96
C MET B 67 19.85 -14.77 -20.98
N LEU B 68 19.75 -13.90 -19.98
CA LEU B 68 18.63 -12.97 -19.89
C LEU B 68 18.66 -11.94 -21.01
N VAL B 69 19.83 -11.35 -21.26
CA VAL B 69 20.01 -10.38 -22.34
C VAL B 69 19.68 -11.02 -23.70
N GLU B 70 20.16 -12.25 -23.91
CA GLU B 70 19.87 -13.00 -25.13
C GLU B 70 18.37 -13.20 -25.33
N LEU B 71 17.66 -13.47 -24.23
CA LEU B 71 16.21 -13.60 -24.27
C LEU B 71 15.53 -12.29 -24.65
N ALA B 72 15.98 -11.17 -24.08
CA ALA B 72 15.42 -9.87 -24.45
C ALA B 72 15.57 -9.64 -25.95
N LYS B 73 16.76 -9.94 -26.48
CA LYS B 73 17.01 -9.76 -27.92
C LYS B 73 16.09 -10.67 -28.75
N SER B 74 16.00 -11.94 -28.38
CA SER B 74 15.24 -12.90 -29.18
C SER B 74 13.71 -12.79 -28.98
N ARG B 75 13.29 -11.95 -28.04
CA ARG B 75 11.88 -11.62 -27.88
C ARG B 75 11.53 -10.30 -28.57
N GLY B 76 12.50 -9.70 -29.25
CA GLY B 76 12.27 -8.52 -30.07
C GLY B 76 12.24 -7.19 -29.34
N VAL B 77 12.88 -7.11 -28.18
CA VAL B 77 12.85 -5.89 -27.36
C VAL B 77 13.40 -4.66 -28.08
N GLU B 78 14.52 -4.80 -28.78
CA GLU B 78 15.14 -3.66 -29.47
C GLU B 78 14.23 -3.09 -30.56
N ALA B 79 13.63 -3.97 -31.36
CA ALA B 79 12.73 -3.54 -32.44
C ALA B 79 11.43 -2.96 -31.91
N ALA B 80 10.88 -3.59 -30.88
CA ALA B 80 9.66 -3.10 -30.23
C ALA B 80 9.87 -1.71 -29.65
N ARG B 81 11.01 -1.50 -28.98
CA ARG B 81 11.35 -0.19 -28.45
C ARG B 81 11.36 0.87 -29.55
N ASP B 82 12.07 0.60 -30.64
CA ASP B 82 12.17 1.54 -31.75
C ASP B 82 10.79 1.84 -32.35
N ASN B 83 9.94 0.81 -32.40
CA ASN B 83 8.56 0.98 -32.88
C ASN B 83 7.74 1.91 -31.98
N MET B 84 7.92 1.80 -30.66
CA MET B 84 7.25 2.72 -29.75
C MET B 84 7.68 4.16 -30.02
N PHE B 85 8.99 4.37 -30.09
CA PHE B 85 9.57 5.70 -30.22
C PHE B 85 9.24 6.37 -31.55
N SER B 86 8.97 5.57 -32.57
CA SER B 86 8.72 6.10 -33.92
C SER B 86 7.23 6.35 -34.20
N GLY B 87 6.37 6.01 -33.25
CA GLY B 87 4.94 6.24 -33.41
C GLY B 87 4.17 5.10 -34.05
N SER B 88 4.76 3.92 -34.13
CA SER B 88 4.05 2.72 -34.59
C SER B 88 2.90 2.42 -33.64
N LYS B 89 1.83 1.84 -34.18
CA LYS B 89 0.62 1.59 -33.40
C LYS B 89 0.72 0.30 -32.60
N ILE B 90 1.63 0.31 -31.62
CA ILE B 90 1.96 -0.89 -30.86
C ILE B 90 0.92 -1.28 -29.82
N ASN B 91 0.00 -0.37 -29.49
CA ASN B 91 -1.18 -0.73 -28.72
C ASN B 91 -2.15 -1.37 -29.70
N TYR B 92 -1.93 -2.66 -29.95
CA TYR B 92 -2.53 -3.34 -31.10
C TYR B 92 -4.01 -3.69 -30.96
N THR B 93 -4.51 -3.81 -29.73
CA THR B 93 -5.93 -4.12 -29.54
C THR B 93 -6.81 -2.89 -29.74
N GLU B 94 -6.23 -1.70 -29.57
CA GLU B 94 -6.96 -0.44 -29.75
C GLU B 94 -6.49 0.32 -31.00
N ASP B 95 -5.50 -0.26 -31.70
CA ASP B 95 -4.86 0.37 -32.86
C ASP B 95 -4.44 1.82 -32.61
N ARG B 96 -3.62 2.00 -31.57
CA ARG B 96 -3.14 3.31 -31.17
C ARG B 96 -1.63 3.30 -31.05
N ALA B 97 -1.03 4.46 -31.28
CA ALA B 97 0.37 4.68 -30.95
C ALA B 97 0.52 4.76 -29.42
N VAL B 98 1.76 4.68 -28.97
CA VAL B 98 2.08 4.74 -27.54
C VAL B 98 3.21 5.75 -27.41
N LEU B 99 2.85 6.98 -27.07
CA LEU B 99 3.80 8.08 -27.21
C LEU B 99 3.91 9.02 -26.01
N HIS B 100 3.89 8.45 -24.81
CA HIS B 100 4.28 9.26 -23.65
C HIS B 100 5.69 9.82 -23.82
N VAL B 101 6.56 9.13 -24.57
CA VAL B 101 7.90 9.66 -24.85
C VAL B 101 7.89 10.97 -25.66
N ALA B 102 6.87 11.15 -26.49
CA ALA B 102 6.71 12.41 -27.23
C ALA B 102 6.41 13.60 -26.33
N LEU B 103 5.67 13.35 -25.25
CA LEU B 103 5.27 14.41 -24.31
C LEU B 103 6.48 15.12 -23.70
N ARG B 104 7.56 14.37 -23.51
CA ARG B 104 8.78 14.89 -22.90
C ARG B 104 9.96 14.89 -23.88
N ASN B 105 9.65 14.89 -25.17
CA ASN B 105 10.68 14.90 -26.21
C ASN B 105 11.31 16.29 -26.35
N ARG B 106 12.22 16.59 -25.43
CA ARG B 106 12.82 17.93 -25.35
C ARG B 106 13.67 18.31 -26.56
N SER B 107 14.18 17.32 -27.28
CA SER B 107 14.95 17.55 -28.49
C SER B 107 14.10 18.11 -29.64
N ASN B 108 12.79 17.87 -29.55
CA ASN B 108 11.83 18.25 -30.58
C ASN B 108 12.05 17.59 -31.94
N THR B 109 12.83 16.51 -31.95
CA THR B 109 12.97 15.72 -33.18
C THR B 109 11.59 15.19 -33.56
N PRO B 110 11.22 15.29 -34.82
CA PRO B 110 9.88 14.88 -35.26
C PRO B 110 9.51 13.44 -34.87
N ILE B 111 8.30 13.29 -34.35
CA ILE B 111 7.72 11.98 -34.11
C ILE B 111 6.36 11.97 -34.79
N LYS B 112 6.21 11.11 -35.80
CA LYS B 112 5.02 11.11 -36.63
C LYS B 112 4.00 10.06 -36.20
N VAL B 113 2.73 10.47 -36.18
CA VAL B 113 1.60 9.56 -36.11
C VAL B 113 0.74 9.85 -37.33
N ASP B 114 0.43 8.80 -38.09
CA ASP B 114 -0.31 8.92 -39.36
C ASP B 114 0.34 9.96 -40.28
N GLY B 115 1.67 9.97 -40.33
CA GLY B 115 2.43 10.86 -41.19
C GLY B 115 2.60 12.30 -40.71
N LYS B 116 2.04 12.62 -39.55
CA LYS B 116 2.05 13.99 -39.03
C LYS B 116 2.83 14.09 -37.72
N ASP B 117 3.81 15.00 -37.69
CA ASP B 117 4.61 15.28 -36.49
C ASP B 117 3.69 15.74 -35.35
N VAL B 118 3.81 15.07 -34.21
CA VAL B 118 2.98 15.38 -33.03
C VAL B 118 3.59 16.49 -32.17
N MET B 119 4.84 16.84 -32.43
CA MET B 119 5.56 17.77 -31.57
C MET B 119 4.99 19.20 -31.50
N PRO B 120 4.61 19.81 -32.63
CA PRO B 120 3.94 21.12 -32.58
C PRO B 120 2.75 21.18 -31.62
N GLU B 121 1.89 20.15 -31.63
CA GLU B 121 0.75 20.11 -30.73
C GLU B 121 1.14 19.85 -29.26
N VAL B 122 2.11 18.97 -29.05
CA VAL B 122 2.67 18.75 -27.71
C VAL B 122 3.15 20.09 -27.14
N ASN B 123 3.92 20.83 -27.94
CA ASN B 123 4.49 22.09 -27.51
C ASN B 123 3.48 23.22 -27.37
N ARG B 124 2.45 23.21 -28.22
CA ARG B 124 1.37 24.19 -28.09
C ARG B 124 0.66 24.06 -26.76
N VAL B 125 0.32 22.83 -26.36
CA VAL B 125 -0.33 22.61 -25.07
C VAL B 125 0.60 22.94 -23.91
N LEU B 126 1.88 22.59 -24.03
CA LEU B 126 2.86 22.97 -23.00
C LEU B 126 2.92 24.50 -22.83
N ASP B 127 2.90 25.23 -23.94
CA ASP B 127 2.90 26.70 -23.90
C ASP B 127 1.66 27.25 -23.21
N LYS B 128 0.52 26.63 -23.48
CA LYS B 128 -0.75 26.98 -22.84
C LYS B 128 -0.69 26.73 -21.33
N MET B 129 -0.10 25.60 -20.95
CA MET B 129 0.10 25.28 -19.53
C MET B 129 0.98 26.32 -18.84
N LYS B 130 2.07 26.70 -19.50
CA LYS B 130 2.99 27.70 -18.97
C LYS B 130 2.29 29.04 -18.74
N SER B 131 1.49 29.47 -19.73
CA SER B 131 0.74 30.72 -19.64
C SER B 131 -0.26 30.70 -18.48
N PHE B 132 -0.98 29.59 -18.35
CA PHE B 132 -1.96 29.40 -17.28
C PHE B 132 -1.29 29.41 -15.91
N CYS B 133 -0.13 28.76 -15.81
CA CYS B 133 0.63 28.75 -14.56
C CYS B 133 1.06 30.15 -14.14
N GLN B 134 1.51 30.97 -15.10
CA GLN B 134 1.83 32.37 -14.83
C GLN B 134 0.63 33.11 -14.27
N ARG B 135 -0.51 32.99 -14.95
CA ARG B 135 -1.73 33.69 -14.57
C ARG B 135 -2.17 33.32 -13.15
N VAL B 136 -2.16 32.02 -12.85
CA VAL B 136 -2.62 31.56 -11.53
C VAL B 136 -1.61 31.84 -10.42
N ARG B 137 -0.34 31.47 -10.63
CA ARG B 137 0.67 31.62 -9.59
C ARG B 137 0.98 33.09 -9.25
N SER B 138 0.88 33.97 -10.23
CA SER B 138 1.15 35.40 -10.04
C SER B 138 0.05 36.10 -9.24
N GLY B 139 -1.11 35.48 -9.19
CA GLY B 139 -2.29 36.08 -8.60
C GLY B 139 -3.12 36.87 -9.59
N ASP B 140 -2.70 36.92 -10.85
CA ASP B 140 -3.42 37.68 -11.87
C ASP B 140 -4.78 37.08 -12.22
N TRP B 141 -4.86 35.75 -12.23
CA TRP B 141 -6.13 35.04 -12.42
C TRP B 141 -6.96 35.21 -11.15
N LYS B 142 -8.10 35.90 -11.28
CA LYS B 142 -8.94 36.21 -10.13
C LYS B 142 -10.17 35.31 -10.07
N GLY B 143 -10.58 35.00 -8.84
CA GLY B 143 -11.84 34.32 -8.59
C GLY B 143 -13.02 35.25 -8.78
N TYR B 144 -14.23 34.74 -8.57
CA TYR B 144 -15.45 35.50 -8.88
C TYR B 144 -15.65 36.78 -8.05
N THR B 145 -14.97 36.87 -6.90
CA THR B 145 -15.01 38.09 -6.07
C THR B 145 -13.74 38.93 -6.22
N GLY B 146 -12.89 38.55 -7.17
CA GLY B 146 -11.71 39.34 -7.50
C GLY B 146 -10.46 39.00 -6.71
N LYS B 147 -10.46 37.85 -6.03
CA LYS B 147 -9.33 37.45 -5.20
C LYS B 147 -8.44 36.45 -5.92
N SER B 148 -7.16 36.44 -5.55
CA SER B 148 -6.20 35.48 -6.10
C SER B 148 -6.51 34.06 -5.65
N ILE B 149 -6.15 33.10 -6.49
CA ILE B 149 -6.38 31.68 -6.21
C ILE B 149 -5.35 31.16 -5.21
N THR B 150 -5.83 30.49 -4.17
CA THR B 150 -4.94 29.95 -3.13
C THR B 150 -4.90 28.42 -3.13
N ASP B 151 -5.92 27.81 -3.72
CA ASP B 151 -6.09 26.37 -3.68
C ASP B 151 -6.45 25.82 -5.04
N ILE B 152 -5.77 24.75 -5.44
CA ILE B 152 -6.11 24.06 -6.66
C ILE B 152 -6.58 22.65 -6.31
N ILE B 153 -7.68 22.23 -6.92
CA ILE B 153 -8.24 20.91 -6.64
C ILE B 153 -8.34 20.10 -7.92
N ASN B 154 -7.53 19.06 -8.01
CA ASN B 154 -7.61 18.13 -9.12
C ASN B 154 -8.68 17.11 -8.83
N ILE B 155 -9.63 16.98 -9.75
CA ILE B 155 -10.65 15.95 -9.66
C ILE B 155 -10.46 14.98 -10.81
N GLY B 156 -10.19 13.73 -10.47
CA GLY B 156 -9.93 12.70 -11.46
C GLY B 156 -9.64 11.42 -10.74
N ILE B 157 -9.59 10.31 -11.48
CA ILE B 157 -9.31 9.02 -10.88
C ILE B 157 -8.33 8.22 -11.75
N GLY B 158 -7.64 7.27 -11.13
CA GLY B 158 -6.68 6.42 -11.83
C GLY B 158 -5.57 7.23 -12.44
N GLY B 159 -5.40 7.10 -13.76
CA GLY B 159 -4.37 7.82 -14.49
C GLY B 159 -4.50 9.33 -14.44
N SER B 160 -5.71 9.81 -14.14
CA SER B 160 -5.95 11.25 -14.04
C SER B 160 -5.83 11.77 -12.60
N ASP B 161 -5.30 10.93 -11.71
CA ASP B 161 -5.16 11.27 -10.30
C ASP B 161 -3.78 10.93 -9.74
N LEU B 162 -3.36 9.67 -9.87
CA LEU B 162 -2.22 9.17 -9.10
C LEU B 162 -0.86 9.80 -9.46
N GLY B 163 -0.63 10.05 -10.74
CA GLY B 163 0.59 10.71 -11.19
C GLY B 163 0.80 12.08 -10.58
N PRO B 164 -0.10 13.01 -10.85
CA PRO B 164 -0.03 14.35 -10.24
C PRO B 164 0.03 14.30 -8.72
N LEU B 165 -0.75 13.41 -8.08
CA LEU B 165 -0.68 13.28 -6.63
C LEU B 165 0.71 12.85 -6.16
N MET B 166 1.23 11.77 -6.74
CA MET B 166 2.51 11.22 -6.31
C MET B 166 3.62 12.25 -6.52
N VAL B 167 3.59 12.93 -7.67
CA VAL B 167 4.65 13.85 -8.03
C VAL B 167 4.62 15.13 -7.19
N THR B 168 3.43 15.70 -6.96
CA THR B 168 3.34 16.88 -6.08
C THR B 168 3.76 16.52 -4.65
N GLU B 169 3.47 15.30 -4.21
CA GLU B 169 3.92 14.86 -2.89
C GLU B 169 5.44 14.76 -2.87
N ALA B 170 6.02 14.17 -3.92
CA ALA B 170 7.46 13.95 -3.98
C ALA B 170 8.25 15.26 -4.12
N LEU B 171 7.65 16.25 -4.78
CA LEU B 171 8.34 17.50 -5.08
C LEU B 171 7.86 18.66 -4.23
N LYS B 172 7.26 18.34 -3.08
CA LYS B 172 6.76 19.36 -2.14
C LYS B 172 7.75 20.50 -1.83
N PRO B 173 9.04 20.23 -1.63
CA PRO B 173 10.01 21.30 -1.35
C PRO B 173 10.16 22.33 -2.46
N TYR B 174 9.63 22.02 -3.64
CA TYR B 174 9.77 22.89 -4.81
C TYR B 174 8.54 23.74 -5.06
N SER B 175 7.65 23.78 -4.08
CA SER B 175 6.34 24.40 -4.22
C SER B 175 6.18 25.80 -3.60
N LYS B 176 7.28 26.42 -3.19
CA LYS B 176 7.22 27.79 -2.68
C LYS B 176 6.69 28.73 -3.76
N GLY B 177 5.72 29.56 -3.37
CA GLY B 177 5.10 30.49 -4.31
C GLY B 177 3.95 29.88 -5.09
N GLY B 178 3.69 28.60 -4.84
CA GLY B 178 2.61 27.89 -5.52
C GLY B 178 1.38 27.76 -4.64
N PRO B 179 0.21 27.60 -5.26
CA PRO B 179 -1.02 27.34 -4.51
C PRO B 179 -0.98 25.96 -3.87
N ARG B 180 -1.73 25.80 -2.78
CA ARG B 180 -1.96 24.49 -2.19
C ARG B 180 -2.66 23.61 -3.22
N VAL B 181 -2.34 22.33 -3.21
CA VAL B 181 -2.96 21.39 -4.15
C VAL B 181 -3.68 20.27 -3.41
N TRP B 182 -4.87 19.95 -3.88
CA TRP B 182 -5.73 18.91 -3.30
C TRP B 182 -6.11 17.94 -4.41
N PHE B 183 -6.28 16.67 -4.03
CA PHE B 183 -6.67 15.64 -4.98
C PHE B 183 -7.93 14.93 -4.52
N VAL B 184 -8.98 15.03 -5.33
CA VAL B 184 -10.23 14.33 -5.08
C VAL B 184 -10.36 13.27 -6.16
N SER B 185 -10.61 12.03 -5.76
CA SER B 185 -10.62 10.91 -6.71
C SER B 185 -11.74 9.92 -6.42
N ASN B 186 -11.82 9.46 -5.18
CA ASN B 186 -12.84 8.48 -4.81
C ASN B 186 -14.25 9.00 -5.05
N ILE B 187 -15.14 8.13 -5.54
CA ILE B 187 -16.55 8.49 -5.59
C ILE B 187 -17.14 8.61 -4.18
N ASP B 188 -16.59 7.85 -3.24
CA ASP B 188 -17.00 7.96 -1.84
C ASP B 188 -17.09 9.43 -1.47
N GLY B 189 -18.31 9.86 -1.10
CA GLY B 189 -18.61 11.27 -0.85
C GLY B 189 -17.75 11.91 0.22
N THR B 190 -17.17 11.07 1.09
CA THR B 190 -16.20 11.52 2.08
C THR B 190 -15.07 12.33 1.43
N HIS B 191 -14.60 11.89 0.27
CA HIS B 191 -13.44 12.52 -0.34
C HIS B 191 -13.70 13.98 -0.72
N ILE B 192 -14.70 14.23 -1.54
CA ILE B 192 -15.03 15.61 -1.90
C ILE B 192 -15.53 16.42 -0.70
N ALA B 193 -16.33 15.80 0.16
CA ALA B 193 -16.92 16.50 1.31
C ALA B 193 -15.86 17.07 2.25
N LYS B 194 -14.89 16.25 2.61
CA LYS B 194 -13.85 16.69 3.53
C LYS B 194 -12.89 17.70 2.87
N THR B 195 -12.74 17.59 1.55
CA THR B 195 -11.93 18.55 0.81
C THR B 195 -12.60 19.92 0.76
N LEU B 196 -13.88 19.95 0.36
CA LEU B 196 -14.61 21.22 0.24
C LEU B 196 -14.79 21.93 1.58
N ALA B 197 -14.82 21.15 2.67
CA ALA B 197 -15.01 21.71 4.01
C ALA B 197 -13.91 22.70 4.41
N SER B 198 -12.72 22.51 3.82
CA SER B 198 -11.54 23.32 4.15
C SER B 198 -11.26 24.41 3.12
N LEU B 199 -12.21 24.66 2.22
CA LEU B 199 -11.99 25.56 1.10
C LEU B 199 -13.01 26.69 1.02
N SER B 200 -12.58 27.80 0.40
CA SER B 200 -13.49 28.89 0.05
C SER B 200 -13.74 28.87 -1.45
N PRO B 201 -15.01 28.97 -1.86
CA PRO B 201 -15.35 29.07 -3.29
C PRO B 201 -14.71 30.27 -3.99
N GLU B 202 -14.37 31.31 -3.22
CA GLU B 202 -13.81 32.53 -3.79
C GLU B 202 -12.37 32.34 -4.28
N THR B 203 -11.66 31.38 -3.71
CA THR B 203 -10.22 31.27 -3.94
C THR B 203 -9.77 29.88 -4.37
N SER B 204 -10.73 29.03 -4.73
CA SER B 204 -10.44 27.64 -5.12
C SER B 204 -10.66 27.46 -6.61
N LEU B 205 -9.69 26.84 -7.28
CA LEU B 205 -9.84 26.51 -8.69
C LEU B 205 -9.79 25.01 -8.89
N PHE B 206 -10.79 24.49 -9.61
CA PHE B 206 -10.94 23.06 -9.86
C PHE B 206 -10.41 22.69 -11.23
N ILE B 207 -9.61 21.62 -11.26
CA ILE B 207 -9.11 21.05 -12.49
C ILE B 207 -9.81 19.72 -12.68
N ILE B 208 -10.62 19.61 -13.72
CA ILE B 208 -11.33 18.36 -14.00
C ILE B 208 -10.49 17.56 -14.98
N ALA B 209 -9.86 16.51 -14.46
CA ALA B 209 -8.90 15.71 -15.22
C ALA B 209 -9.54 14.42 -15.68
N SER B 210 -9.80 14.32 -16.98
CA SER B 210 -10.45 13.13 -17.53
C SER B 210 -10.22 13.01 -19.02
N LYS B 211 -9.48 11.97 -19.42
CA LYS B 211 -9.23 11.65 -20.82
C LYS B 211 -10.54 11.60 -21.62
N THR B 212 -11.49 10.81 -21.12
CA THR B 212 -12.78 10.63 -21.79
C THR B 212 -13.77 11.74 -21.47
N PHE B 213 -13.63 12.35 -20.29
CA PHE B 213 -14.62 13.25 -19.72
C PHE B 213 -16.00 12.60 -19.54
N THR B 214 -16.00 11.28 -19.34
CA THR B 214 -17.23 10.50 -19.12
C THR B 214 -17.18 9.63 -17.87
N THR B 215 -15.99 9.46 -17.29
CA THR B 215 -15.82 8.62 -16.10
C THR B 215 -16.79 9.05 -15.02
N GLN B 216 -17.60 8.10 -14.55
CA GLN B 216 -18.69 8.40 -13.62
C GLN B 216 -18.20 9.07 -12.35
N GLU B 217 -17.15 8.52 -11.74
CA GLU B 217 -16.61 9.07 -10.49
C GLU B 217 -16.20 10.52 -10.66
N THR B 218 -15.45 10.80 -11.71
CA THR B 218 -14.92 12.13 -11.97
C THR B 218 -16.00 13.15 -12.29
N ILE B 219 -16.92 12.79 -13.17
CA ILE B 219 -17.98 13.72 -13.55
C ILE B 219 -18.92 13.99 -12.37
N THR B 220 -19.24 12.95 -11.61
CA THR B 220 -20.06 13.11 -10.41
C THR B 220 -19.38 14.04 -9.39
N ASN B 221 -18.10 13.77 -9.10
CA ASN B 221 -17.34 14.66 -8.24
C ASN B 221 -17.30 16.10 -8.76
N ALA B 222 -17.08 16.25 -10.07
CA ALA B 222 -17.04 17.55 -10.72
C ALA B 222 -18.36 18.30 -10.56
N GLU B 223 -19.47 17.58 -10.74
CA GLU B 223 -20.80 18.16 -10.62
C GLU B 223 -21.12 18.56 -9.17
N THR B 224 -20.63 17.76 -8.22
CA THR B 224 -20.77 18.09 -6.81
C THR B 224 -19.99 19.36 -6.47
N ALA B 225 -18.77 19.47 -6.98
CA ALA B 225 -17.93 20.66 -6.81
C ALA B 225 -18.62 21.90 -7.41
N LYS B 226 -19.21 21.74 -8.59
CA LYS B 226 -19.89 22.85 -9.26
C LYS B 226 -21.13 23.30 -8.48
N GLU B 227 -21.88 22.34 -7.94
CA GLU B 227 -23.05 22.66 -7.13
C GLU B 227 -22.67 23.46 -5.88
N TRP B 228 -21.62 23.01 -5.21
CA TRP B 228 -21.06 23.69 -4.04
C TRP B 228 -20.61 25.10 -4.42
N PHE B 229 -19.93 25.21 -5.55
CA PHE B 229 -19.44 26.51 -6.01
C PHE B 229 -20.59 27.47 -6.32
N LEU B 230 -21.59 26.99 -7.06
CA LEU B 230 -22.70 27.83 -7.49
C LEU B 230 -23.61 28.26 -6.34
N GLU B 231 -23.62 27.49 -5.25
CA GLU B 231 -24.34 27.86 -4.05
C GLU B 231 -23.84 29.21 -3.51
N ALA B 232 -22.54 29.42 -3.59
CA ALA B 232 -21.92 30.67 -3.15
C ALA B 232 -21.90 31.75 -4.23
N ALA B 233 -21.55 31.35 -5.45
CA ALA B 233 -21.37 32.30 -6.55
C ALA B 233 -22.67 32.78 -7.19
N LYS B 234 -23.68 31.92 -7.20
CA LYS B 234 -25.04 32.25 -7.67
C LYS B 234 -25.06 32.83 -9.09
N ASP B 235 -24.09 32.42 -9.91
CA ASP B 235 -23.89 32.96 -11.25
C ASP B 235 -23.19 31.93 -12.13
N PRO B 236 -23.93 31.34 -13.08
CA PRO B 236 -23.37 30.29 -13.96
C PRO B 236 -22.14 30.74 -14.75
N SER B 237 -22.04 32.03 -15.04
CA SER B 237 -20.92 32.58 -15.80
C SER B 237 -19.60 32.59 -15.01
N ALA B 238 -19.70 32.47 -13.68
CA ALA B 238 -18.53 32.47 -12.80
C ALA B 238 -17.79 31.14 -12.82
N VAL B 239 -18.46 30.09 -13.31
CA VAL B 239 -17.86 28.75 -13.40
C VAL B 239 -16.56 28.78 -14.21
N ALA B 240 -16.54 29.58 -15.27
CA ALA B 240 -15.37 29.72 -16.14
C ALA B 240 -14.11 30.24 -15.41
N LYS B 241 -14.30 30.89 -14.27
CA LYS B 241 -13.20 31.42 -13.49
C LYS B 241 -12.63 30.41 -12.50
N HIS B 242 -13.36 29.31 -12.30
CA HIS B 242 -13.03 28.37 -11.22
C HIS B 242 -12.95 26.92 -11.65
N PHE B 243 -13.23 26.65 -12.93
CA PHE B 243 -13.18 25.29 -13.46
C PHE B 243 -12.43 25.27 -14.78
N VAL B 244 -11.45 24.37 -14.89
CA VAL B 244 -10.76 24.09 -16.13
C VAL B 244 -10.76 22.58 -16.38
N ALA B 245 -10.43 22.17 -17.60
CA ALA B 245 -10.51 20.76 -17.97
C ALA B 245 -9.23 20.27 -18.64
N LEU B 246 -8.83 19.05 -18.29
CA LEU B 246 -7.76 18.33 -18.98
C LEU B 246 -8.39 17.12 -19.66
N SER B 247 -8.46 17.12 -20.98
CA SER B 247 -9.23 16.09 -21.68
C SER B 247 -8.77 15.82 -23.09
N THR B 248 -9.27 14.72 -23.68
CA THR B 248 -9.17 14.49 -25.12
C THR B 248 -10.53 14.73 -25.77
N ASN B 249 -11.57 14.88 -24.94
CA ASN B 249 -12.95 14.99 -25.41
C ASN B 249 -13.51 16.41 -25.38
N THR B 250 -13.25 17.17 -26.44
CA THR B 250 -13.69 18.56 -26.56
C THR B 250 -15.20 18.75 -26.39
N ALA B 251 -15.97 17.81 -26.95
CA ALA B 251 -17.43 17.89 -26.93
C ALA B 251 -18.03 17.66 -25.54
N LYS B 252 -17.50 16.67 -24.84
CA LYS B 252 -17.99 16.35 -23.49
C LYS B 252 -17.59 17.42 -22.46
N VAL B 253 -16.47 18.09 -22.71
CA VAL B 253 -16.02 19.22 -21.89
C VAL B 253 -16.98 20.40 -22.05
N LYS B 254 -17.48 20.60 -23.26
CA LYS B 254 -18.44 21.66 -23.56
C LYS B 254 -19.80 21.39 -22.92
N GLU B 255 -20.25 20.13 -22.97
CA GLU B 255 -21.51 19.71 -22.37
C GLU B 255 -21.57 19.97 -20.86
N PHE B 256 -20.45 19.72 -20.17
CA PHE B 256 -20.31 20.03 -18.75
C PHE B 256 -20.46 21.53 -18.50
N GLY B 257 -19.98 22.34 -19.44
CA GLY B 257 -20.12 23.78 -19.39
C GLY B 257 -18.84 24.52 -19.04
N ILE B 258 -17.72 24.04 -19.57
CA ILE B 258 -16.42 24.69 -19.37
C ILE B 258 -15.98 25.42 -20.64
N ASP B 259 -15.42 26.62 -20.46
CA ASP B 259 -14.86 27.44 -21.54
C ASP B 259 -13.87 26.62 -22.40
N PRO B 260 -14.00 26.71 -23.72
CA PRO B 260 -13.10 25.99 -24.64
C PRO B 260 -11.63 26.40 -24.48
N GLN B 261 -11.38 27.66 -24.15
CA GLN B 261 -10.03 28.16 -23.89
C GLN B 261 -9.48 27.63 -22.56
N ASN B 262 -10.37 27.10 -21.73
CA ASN B 262 -10.02 26.50 -20.44
C ASN B 262 -9.68 25.01 -20.55
N MET B 263 -9.58 24.49 -21.78
CA MET B 263 -9.34 23.06 -21.99
C MET B 263 -7.91 22.77 -22.45
N PHE B 264 -7.23 21.92 -21.69
CA PHE B 264 -5.85 21.54 -21.99
C PHE B 264 -5.86 20.13 -22.55
N GLU B 265 -5.53 20.03 -23.83
CA GLU B 265 -5.72 18.81 -24.60
C GLU B 265 -4.57 17.81 -24.45
N PHE B 266 -4.92 16.53 -24.48
CA PHE B 266 -3.95 15.48 -24.76
C PHE B 266 -4.52 14.49 -25.77
N TRP B 267 -3.84 13.37 -26.01
CA TRP B 267 -4.13 12.56 -27.20
C TRP B 267 -4.33 11.09 -26.88
N ASP B 268 -4.94 10.35 -27.81
CA ASP B 268 -5.30 8.96 -27.54
C ASP B 268 -4.07 8.07 -27.32
N TRP B 269 -2.91 8.51 -27.80
CA TRP B 269 -1.66 7.79 -27.62
C TRP B 269 -0.97 8.09 -26.29
N VAL B 270 -1.64 8.87 -25.45
CA VAL B 270 -1.24 9.06 -24.06
C VAL B 270 -2.11 8.19 -23.17
N GLY B 271 -1.58 7.06 -22.73
CA GLY B 271 -2.31 6.22 -21.80
C GLY B 271 -2.44 6.95 -20.48
N GLY B 272 -3.59 6.80 -19.80
CA GLY B 272 -3.82 7.48 -18.53
C GLY B 272 -2.71 7.24 -17.51
N ARG B 273 -2.28 5.98 -17.39
CA ARG B 273 -1.24 5.64 -16.42
C ARG B 273 0.16 6.06 -16.89
N TYR B 274 0.23 6.73 -18.04
CA TYR B 274 1.47 7.32 -18.57
C TYR B 274 1.24 8.81 -18.92
N SER B 275 0.30 9.44 -18.22
CA SER B 275 -0.20 10.76 -18.62
C SER B 275 0.30 11.98 -17.83
N LEU B 276 1.02 11.78 -16.74
CA LEU B 276 1.43 12.91 -15.91
C LEU B 276 2.30 13.91 -16.68
N TRP B 277 2.95 13.44 -17.74
CA TRP B 277 3.83 14.23 -18.60
C TRP B 277 3.07 15.15 -19.55
N SER B 278 1.77 14.94 -19.66
CA SER B 278 0.90 15.69 -20.56
C SER B 278 0.20 16.82 -19.81
N ALA B 279 -0.86 17.34 -20.41
CA ALA B 279 -1.78 18.28 -19.76
C ALA B 279 -2.24 17.81 -18.37
N ILE B 280 -2.30 16.49 -18.17
CA ILE B 280 -2.67 15.91 -16.88
C ILE B 280 -1.74 16.37 -15.74
N GLY B 281 -0.51 16.75 -16.09
CA GLY B 281 0.41 17.26 -15.10
C GLY B 281 0.20 18.73 -14.75
N LEU B 282 -0.91 19.33 -15.18
CA LEU B 282 -1.14 20.76 -14.91
C LEU B 282 -1.06 21.10 -13.42
N SER B 283 -1.64 20.27 -12.57
CA SER B 283 -1.56 20.51 -11.13
C SER B 283 -0.12 20.45 -10.62
N ILE B 284 0.73 19.64 -11.25
CA ILE B 284 2.16 19.62 -10.91
C ILE B 284 2.79 20.96 -11.24
N ALA B 285 2.60 21.42 -12.48
CA ALA B 285 3.19 22.66 -12.95
C ALA B 285 2.69 23.87 -12.14
N LEU B 286 1.42 23.85 -11.76
CA LEU B 286 0.87 24.92 -10.93
C LEU B 286 1.51 24.93 -9.55
N HIS B 287 1.71 23.74 -8.99
CA HIS B 287 2.21 23.61 -7.63
C HIS B 287 3.69 23.98 -7.52
N VAL B 288 4.50 23.43 -8.41
CA VAL B 288 5.95 23.63 -8.34
C VAL B 288 6.53 24.61 -9.36
N GLY B 289 5.67 25.13 -10.25
CA GLY B 289 6.11 26.04 -11.29
C GLY B 289 6.44 25.32 -12.57
N PHE B 290 6.25 26.01 -13.70
CA PHE B 290 6.47 25.39 -15.01
C PHE B 290 7.93 25.01 -15.27
N ASP B 291 8.87 25.81 -14.75
CA ASP B 291 10.30 25.51 -14.88
C ASP B 291 10.62 24.14 -14.29
N HIS B 292 10.11 23.88 -13.09
CA HIS B 292 10.31 22.59 -12.44
C HIS B 292 9.62 21.46 -13.18
N PHE B 293 8.46 21.75 -13.77
CA PHE B 293 7.75 20.78 -14.61
C PHE B 293 8.58 20.41 -15.85
N GLU B 294 9.22 21.40 -16.47
CA GLU B 294 10.11 21.16 -17.61
C GLU B 294 11.30 20.30 -17.20
N GLN B 295 11.81 20.52 -15.98
CA GLN B 295 12.92 19.72 -15.46
C GLN B 295 12.49 18.25 -15.29
N LEU B 296 11.28 18.05 -14.79
CA LEU B 296 10.69 16.72 -14.66
C LEU B 296 10.62 16.02 -16.03
N LEU B 297 10.12 16.73 -17.04
CA LEU B 297 10.09 16.22 -18.41
C LEU B 297 11.49 15.92 -18.94
N SER B 298 12.45 16.79 -18.65
CA SER B 298 13.82 16.63 -19.12
C SER B 298 14.49 15.39 -18.54
N GLY B 299 14.20 15.09 -17.27
CA GLY B 299 14.73 13.89 -16.63
C GLY B 299 14.21 12.63 -17.29
N ALA B 300 12.91 12.61 -17.56
CA ALA B 300 12.30 11.52 -18.31
C ALA B 300 12.94 11.39 -19.69
N HIS B 301 13.15 12.51 -20.37
CA HIS B 301 13.78 12.52 -21.70
C HIS B 301 15.18 11.92 -21.65
N TRP B 302 15.94 12.26 -20.61
CA TRP B 302 17.27 11.68 -20.43
C TRP B 302 17.19 10.16 -20.38
N MET B 303 16.26 9.64 -19.58
CA MET B 303 16.10 8.20 -19.41
C MET B 303 15.57 7.55 -20.69
N ASP B 304 14.71 8.27 -21.41
CA ASP B 304 14.24 7.79 -22.71
C ASP B 304 15.42 7.58 -23.66
N GLN B 305 16.33 8.56 -23.69
CA GLN B 305 17.52 8.47 -24.52
C GLN B 305 18.47 7.36 -24.05
N HIS B 306 18.59 7.19 -22.74
CA HIS B 306 19.38 6.08 -22.20
C HIS B 306 18.82 4.75 -22.69
N PHE B 307 17.50 4.61 -22.57
CA PHE B 307 16.80 3.38 -22.99
C PHE B 307 16.97 3.13 -24.49
N LEU B 308 16.88 4.20 -25.27
CA LEU B 308 16.97 4.10 -26.73
C LEU B 308 18.36 3.76 -27.26
N LYS B 309 19.39 4.34 -26.64
CA LYS B 309 20.75 4.30 -27.20
C LYS B 309 21.67 3.23 -26.63
N THR B 310 21.33 2.71 -25.45
CA THR B 310 22.26 1.86 -24.70
C THR B 310 22.14 0.38 -25.05
N PRO B 311 23.28 -0.27 -25.33
CA PRO B 311 23.30 -1.74 -25.50
C PRO B 311 22.60 -2.42 -24.33
N LEU B 312 21.81 -3.45 -24.63
CA LEU B 312 20.91 -4.04 -23.64
C LEU B 312 21.61 -4.46 -22.35
N GLU B 313 22.84 -4.96 -22.47
CA GLU B 313 23.59 -5.50 -21.34
C GLU B 313 23.96 -4.46 -20.26
N LYS B 314 23.87 -3.17 -20.61
CA LYS B 314 24.11 -2.09 -19.64
C LYS B 314 22.99 -1.04 -19.67
N ASN B 315 21.79 -1.48 -20.04
CA ASN B 315 20.63 -0.62 -20.20
C ASN B 315 19.74 -0.77 -18.97
N ALA B 316 19.67 0.27 -18.15
CA ALA B 316 19.05 0.17 -16.82
C ALA B 316 17.62 -0.41 -16.79
N PRO B 317 16.64 0.16 -17.51
CA PRO B 317 15.30 -0.42 -17.50
C PRO B 317 15.25 -1.85 -18.05
N VAL B 318 16.10 -2.17 -19.01
CA VAL B 318 16.18 -3.53 -19.54
C VAL B 318 16.66 -4.51 -18.47
N LEU B 319 17.72 -4.15 -17.77
CA LEU B 319 18.26 -5.01 -16.72
C LEU B 319 17.26 -5.23 -15.58
N LEU B 320 16.59 -4.16 -15.16
CA LEU B 320 15.55 -4.28 -14.13
C LEU B 320 14.42 -5.20 -14.60
N ALA B 321 14.02 -5.04 -15.86
CA ALA B 321 13.00 -5.91 -16.46
C ALA B 321 13.42 -7.38 -16.46
N LEU B 322 14.66 -7.62 -16.84
CA LEU B 322 15.20 -8.98 -16.96
C LEU B 322 15.30 -9.69 -15.61
N LEU B 323 15.73 -8.95 -14.59
CA LEU B 323 15.77 -9.51 -13.24
C LEU B 323 14.35 -9.88 -12.79
N GLY B 324 13.37 -9.04 -13.12
CA GLY B 324 11.99 -9.35 -12.83
C GLY B 324 11.50 -10.62 -13.51
N ILE B 325 11.85 -10.80 -14.79
CA ILE B 325 11.49 -12.01 -15.54
C ILE B 325 12.08 -13.25 -14.85
N TRP B 326 13.35 -13.15 -14.46
CA TRP B 326 14.06 -14.21 -13.75
C TRP B 326 13.28 -14.62 -12.49
N TYR B 327 12.87 -13.63 -11.69
CA TYR B 327 12.15 -13.94 -10.46
C TYR B 327 10.70 -14.39 -10.67
N ILE B 328 10.05 -13.85 -11.69
CA ILE B 328 8.66 -14.16 -11.97
C ILE B 328 8.50 -15.52 -12.68
N ASN B 329 9.24 -15.69 -13.77
CA ASN B 329 9.04 -16.85 -14.64
C ASN B 329 9.91 -18.05 -14.31
N CYS B 330 10.97 -17.83 -13.55
CA CYS B 330 11.85 -18.93 -13.16
C CYS B 330 11.67 -19.29 -11.70
N TYR B 331 11.71 -18.28 -10.81
CA TYR B 331 11.51 -18.53 -9.38
C TYR B 331 10.04 -18.56 -8.95
N GLY B 332 9.15 -17.99 -9.76
CA GLY B 332 7.72 -18.02 -9.47
C GLY B 332 7.24 -17.03 -8.40
N CYS B 333 7.98 -15.94 -8.23
CA CYS B 333 7.63 -14.92 -7.24
C CYS B 333 6.44 -14.10 -7.69
N GLU B 334 5.37 -14.08 -6.88
CA GLU B 334 4.16 -13.34 -7.23
C GLU B 334 4.31 -11.83 -7.13
N THR B 335 5.17 -11.38 -6.23
CA THR B 335 5.18 -9.95 -5.88
C THR B 335 6.52 -9.26 -6.12
N HIS B 336 6.47 -7.94 -6.11
CA HIS B 336 7.64 -7.07 -6.23
C HIS B 336 7.43 -5.90 -5.29
N ALA B 337 8.34 -5.71 -4.34
CA ALA B 337 8.20 -4.63 -3.36
C ALA B 337 9.04 -3.41 -3.76
N LEU B 338 8.42 -2.23 -3.67
CA LEU B 338 9.11 -0.96 -3.87
C LEU B 338 9.20 -0.25 -2.54
N LEU B 339 10.42 -0.04 -2.07
CA LEU B 339 10.66 0.46 -0.73
C LEU B 339 11.54 1.71 -0.75
N PRO B 340 10.94 2.88 -1.00
CA PRO B 340 11.69 4.13 -0.99
C PRO B 340 11.96 4.61 0.43
N TYR B 341 13.23 4.91 0.71
CA TYR B 341 13.60 5.44 2.01
C TYR B 341 13.50 6.95 1.96
N ASP B 342 12.27 7.42 1.81
CA ASP B 342 11.98 8.81 1.55
C ASP B 342 10.49 9.08 1.74
N GLN B 343 10.17 9.90 2.74
CA GLN B 343 8.79 10.25 3.07
C GLN B 343 8.10 10.96 1.91
N TYR B 344 8.84 11.81 1.19
CA TYR B 344 8.25 12.50 0.05
C TYR B 344 7.79 11.52 -1.03
N MET B 345 8.46 10.37 -1.12
CA MET B 345 8.10 9.32 -2.08
C MET B 345 7.03 8.35 -1.56
N HIS B 346 6.23 8.80 -0.59
CA HIS B 346 5.29 7.88 0.07
C HIS B 346 4.18 7.32 -0.83
N ARG B 347 3.97 7.95 -2.00
CA ARG B 347 2.98 7.46 -2.96
C ARG B 347 3.60 6.83 -4.22
N PHE B 348 4.91 6.66 -4.20
CA PHE B 348 5.65 6.09 -5.33
C PHE B 348 5.26 4.64 -5.59
N ALA B 349 5.20 3.82 -4.55
CA ALA B 349 4.77 2.43 -4.69
C ALA B 349 3.35 2.32 -5.22
N ALA B 350 2.44 3.15 -4.68
CA ALA B 350 1.05 3.14 -5.13
C ALA B 350 0.93 3.53 -6.59
N TYR B 351 1.75 4.49 -7.02
CA TYR B 351 1.77 4.91 -8.42
C TYR B 351 2.13 3.75 -9.34
N PHE B 352 3.17 3.00 -8.98
CA PHE B 352 3.61 1.91 -9.83
C PHE B 352 2.80 0.63 -9.64
N GLN B 353 2.00 0.59 -8.59
CA GLN B 353 0.95 -0.42 -8.48
C GLN B 353 0.07 -0.32 -9.71
N GLN B 354 -0.38 0.89 -10.05
CA GLN B 354 -1.13 1.11 -11.28
C GLN B 354 -0.25 0.93 -12.52
N GLY B 355 0.88 1.64 -12.56
CA GLY B 355 1.74 1.63 -13.73
C GLY B 355 2.11 0.23 -14.17
N ASP B 356 2.49 -0.60 -13.21
CA ASP B 356 2.90 -1.97 -13.48
C ASP B 356 1.70 -2.90 -13.64
N MET B 357 0.85 -2.96 -12.62
CA MET B 357 -0.21 -3.96 -12.57
C MET B 357 -1.30 -3.78 -13.64
N GLU B 358 -1.66 -2.53 -13.92
CA GLU B 358 -2.66 -2.27 -14.97
C GLU B 358 -2.06 -2.49 -16.37
N SER B 359 -0.76 -2.27 -16.51
CA SER B 359 -0.08 -2.52 -17.78
C SER B 359 0.06 -4.01 -18.05
N ASN B 360 0.63 -4.74 -17.08
CA ASN B 360 1.04 -6.11 -17.33
C ASN B 360 0.24 -7.22 -16.63
N GLY B 361 -0.85 -6.84 -15.97
CA GLY B 361 -1.79 -7.81 -15.44
C GLY B 361 -2.68 -8.29 -16.56
N LYS B 362 -2.10 -9.12 -17.42
CA LYS B 362 -2.69 -9.53 -18.70
C LYS B 362 -2.49 -11.01 -18.89
N TYR B 363 -3.29 -11.62 -19.77
CA TYR B 363 -3.19 -13.05 -19.99
C TYR B 363 -3.37 -13.50 -21.45
N ILE B 364 -3.60 -12.54 -22.33
CA ILE B 364 -3.72 -12.82 -23.77
C ILE B 364 -2.56 -12.19 -24.54
N THR B 365 -1.93 -13.00 -25.39
CA THR B 365 -0.79 -12.54 -26.19
C THR B 365 -1.22 -11.92 -27.52
N LYS B 366 -0.24 -11.36 -28.22
CA LYS B 366 -0.47 -10.70 -29.52
C LYS B 366 -1.18 -11.60 -30.53
N SER B 367 -0.87 -12.90 -30.50
CA SER B 367 -1.50 -13.87 -31.41
C SER B 367 -2.95 -14.19 -31.02
N GLY B 368 -3.35 -13.80 -29.81
CA GLY B 368 -4.66 -14.12 -29.29
C GLY B 368 -4.65 -15.36 -28.41
N ALA B 369 -3.52 -16.06 -28.38
CA ALA B 369 -3.39 -17.25 -27.54
C ALA B 369 -3.22 -16.85 -26.08
N ARG B 370 -3.75 -17.67 -25.19
CA ARG B 370 -3.60 -17.47 -23.75
C ARG B 370 -2.16 -17.76 -23.33
N VAL B 371 -1.63 -16.96 -22.41
CA VAL B 371 -0.33 -17.26 -21.83
C VAL B 371 -0.38 -18.58 -21.08
N ASP B 372 0.76 -19.28 -21.06
CA ASP B 372 0.90 -20.47 -20.23
C ASP B 372 2.08 -20.26 -19.28
N HIS B 373 2.20 -19.01 -18.85
CA HIS B 373 3.25 -18.57 -17.93
C HIS B 373 2.73 -17.36 -17.17
N GLN B 374 3.44 -16.99 -16.11
CA GLN B 374 3.10 -15.81 -15.34
C GLN B 374 3.38 -14.53 -16.12
N THR B 375 2.58 -13.50 -15.86
CA THR B 375 2.86 -12.16 -16.36
C THR B 375 3.12 -11.24 -15.15
N GLY B 376 2.57 -10.02 -15.18
CA GLY B 376 2.90 -8.99 -14.20
C GLY B 376 2.76 -9.38 -12.73
N PRO B 377 3.66 -8.89 -11.89
CA PRO B 377 3.60 -9.19 -10.45
C PRO B 377 2.67 -8.23 -9.70
N ILE B 378 2.35 -8.60 -8.47
CA ILE B 378 1.67 -7.70 -7.54
C ILE B 378 2.72 -6.78 -6.94
N VAL B 379 2.54 -5.48 -7.15
CA VAL B 379 3.47 -4.46 -6.68
C VAL B 379 2.92 -3.87 -5.39
N TRP B 380 3.80 -3.67 -4.41
CA TRP B 380 3.39 -3.18 -3.10
C TRP B 380 4.58 -2.57 -2.38
N GLY B 381 4.33 -1.91 -1.24
CA GLY B 381 5.40 -1.37 -0.43
C GLY B 381 5.02 -0.14 0.36
N GLU B 382 5.86 0.20 1.34
CA GLU B 382 5.74 1.42 2.12
C GLU B 382 7.16 1.98 2.31
N PRO B 383 7.29 3.28 2.57
CA PRO B 383 8.62 3.87 2.81
C PRO B 383 9.38 3.29 4.00
N GLY B 384 10.69 3.18 3.85
CA GLY B 384 11.59 2.89 4.96
C GLY B 384 11.84 4.19 5.72
N THR B 385 12.12 4.12 7.01
CA THR B 385 12.38 2.86 7.73
C THR B 385 11.16 2.14 8.29
N ASN B 386 9.97 2.72 8.14
CA ASN B 386 8.78 2.17 8.78
C ASN B 386 8.54 0.68 8.53
N GLY B 387 8.73 0.26 7.28
CA GLY B 387 8.56 -1.15 6.92
C GLY B 387 9.36 -2.11 7.79
N GLN B 388 10.54 -1.67 8.22
CA GLN B 388 11.43 -2.48 9.06
C GLN B 388 10.76 -2.92 10.35
N HIS B 389 9.75 -2.15 10.77
CA HIS B 389 9.05 -2.42 12.02
C HIS B 389 7.73 -3.14 11.80
N ALA B 390 7.35 -3.36 10.53
CA ALA B 390 5.96 -3.64 10.15
C ALA B 390 5.70 -4.90 9.30
N PHE B 391 6.43 -5.07 8.20
CA PHE B 391 6.31 -6.25 7.35
C PHE B 391 7.66 -6.87 6.96
N TYR B 392 8.76 -6.19 7.28
CA TYR B 392 10.07 -6.79 6.99
C TYR B 392 10.28 -8.07 7.81
N GLN B 393 9.54 -8.24 8.90
CA GLN B 393 9.56 -9.51 9.63
C GLN B 393 9.32 -10.66 8.67
N LEU B 394 8.34 -10.50 7.79
CA LEU B 394 8.00 -11.56 6.83
C LEU B 394 9.05 -11.67 5.72
N ILE B 395 9.58 -10.52 5.27
CA ILE B 395 10.63 -10.56 4.25
C ILE B 395 11.85 -11.32 4.78
N HIS B 396 12.21 -11.09 6.05
CA HIS B 396 13.38 -11.75 6.65
C HIS B 396 13.16 -13.20 7.06
N GLN B 397 11.98 -13.51 7.60
CA GLN B 397 11.76 -14.80 8.26
C GLN B 397 10.48 -15.53 7.85
N GLY B 398 9.88 -15.10 6.74
CA GLY B 398 8.71 -15.77 6.20
C GLY B 398 9.05 -16.86 5.19
N THR B 399 8.03 -17.30 4.46
CA THR B 399 8.18 -18.40 3.52
C THR B 399 8.04 -17.97 2.06
N LYS B 400 8.12 -16.67 1.81
CA LYS B 400 7.98 -16.11 0.47
C LYS B 400 9.29 -15.51 -0.01
N MET B 401 9.57 -15.68 -1.30
CA MET B 401 10.64 -14.95 -1.96
C MET B 401 10.05 -13.66 -2.53
N ILE B 402 10.63 -12.52 -2.13
CA ILE B 402 10.09 -11.21 -2.46
C ILE B 402 11.21 -10.30 -2.96
N PRO B 403 11.37 -10.18 -4.28
CA PRO B 403 12.31 -9.22 -4.85
C PRO B 403 11.94 -7.80 -4.36
N CYS B 404 12.91 -7.04 -3.87
CA CYS B 404 12.68 -5.70 -3.35
C CYS B 404 13.59 -4.69 -4.05
N ASP B 405 13.04 -3.54 -4.41
CA ASP B 405 13.83 -2.41 -4.84
C ASP B 405 13.87 -1.41 -3.69
N PHE B 406 15.07 -1.16 -3.18
CA PHE B 406 15.30 -0.15 -2.15
C PHE B 406 15.78 1.12 -2.86
N LEU B 407 15.12 2.25 -2.58
CA LEU B 407 15.45 3.53 -3.23
C LEU B 407 15.74 4.61 -2.19
N ILE B 408 16.73 5.46 -2.47
CA ILE B 408 17.06 6.57 -1.55
C ILE B 408 17.86 7.66 -2.24
N PRO B 409 17.58 8.93 -1.91
CA PRO B 409 18.46 10.03 -2.30
C PRO B 409 19.64 10.17 -1.34
N VAL B 410 20.81 10.43 -1.90
CA VAL B 410 22.01 10.69 -1.10
C VAL B 410 21.82 11.96 -0.27
N GLN B 411 21.31 13.01 -0.91
CA GLN B 411 21.06 14.29 -0.25
C GLN B 411 19.60 14.44 0.13
N THR B 412 19.38 14.83 1.38
CA THR B 412 18.03 15.07 1.88
C THR B 412 17.60 16.52 1.65
N GLN B 413 16.30 16.71 1.49
CA GLN B 413 15.71 18.03 1.37
C GLN B 413 15.68 18.75 2.71
N HIS B 414 15.88 18.00 3.80
CA HIS B 414 15.82 18.55 5.15
C HIS B 414 16.97 18.03 6.04
N PRO B 415 18.17 18.58 5.85
CA PRO B 415 19.36 18.12 6.60
C PRO B 415 19.40 18.62 8.04
N ILE B 416 18.32 18.36 8.78
CA ILE B 416 18.20 18.79 10.18
C ILE B 416 19.23 18.11 11.09
N ARG B 417 19.53 18.75 12.22
CA ARG B 417 20.50 18.24 13.21
C ARG B 417 21.84 17.88 12.56
N LYS B 418 22.30 18.77 11.68
CA LYS B 418 23.59 18.60 10.97
C LYS B 418 23.68 17.26 10.24
N GLY B 419 22.54 16.81 9.71
CA GLY B 419 22.49 15.61 8.91
C GLY B 419 22.28 14.30 9.66
N LEU B 420 22.01 14.40 10.96
CA LEU B 420 21.89 13.21 11.81
C LEU B 420 20.80 12.25 11.36
N HIS B 421 19.61 12.79 11.06
CA HIS B 421 18.49 11.95 10.64
C HIS B 421 18.81 11.22 9.35
N HIS B 422 19.40 11.92 8.38
CA HIS B 422 19.71 11.29 7.10
C HIS B 422 20.83 10.27 7.19
N LYS B 423 21.80 10.52 8.06
CA LYS B 423 22.84 9.54 8.35
C LYS B 423 22.21 8.23 8.82
N ILE B 424 21.29 8.32 9.77
CA ILE B 424 20.61 7.14 10.31
C ILE B 424 19.78 6.46 9.21
N LEU B 425 19.08 7.27 8.42
CA LEU B 425 18.26 6.75 7.32
C LEU B 425 19.11 5.97 6.32
N LEU B 426 20.21 6.56 5.90
CA LEU B 426 21.14 5.91 4.98
C LEU B 426 21.70 4.62 5.57
N ALA B 427 22.07 4.66 6.85
CA ALA B 427 22.62 3.48 7.52
C ALA B 427 21.63 2.31 7.51
N ASN B 428 20.35 2.60 7.77
CA ASN B 428 19.31 1.58 7.75
C ASN B 428 19.09 1.04 6.33
N PHE B 429 19.06 1.94 5.36
CA PHE B 429 18.94 1.59 3.94
C PHE B 429 20.00 0.55 3.54
N LEU B 430 21.23 0.80 3.94
CA LEU B 430 22.36 -0.07 3.59
C LEU B 430 22.33 -1.37 4.37
N ALA B 431 22.06 -1.26 5.67
CA ALA B 431 22.09 -2.40 6.56
C ALA B 431 21.01 -3.43 6.23
N GLN B 432 19.86 -2.96 5.76
CA GLN B 432 18.74 -3.85 5.50
C GLN B 432 19.00 -4.78 4.32
N THR B 433 19.51 -4.25 3.22
CA THR B 433 19.84 -5.10 2.07
C THR B 433 21.01 -6.02 2.40
N GLU B 434 21.95 -5.52 3.19
CA GLU B 434 23.08 -6.34 3.65
C GLU B 434 22.56 -7.51 4.48
N ALA B 435 21.62 -7.23 5.38
CA ALA B 435 21.04 -8.25 6.25
C ALA B 435 20.21 -9.26 5.46
N LEU B 436 19.42 -8.76 4.51
CA LEU B 436 18.63 -9.62 3.65
C LEU B 436 19.51 -10.61 2.87
N MET B 437 20.68 -10.15 2.45
CA MET B 437 21.63 -11.01 1.75
C MET B 437 22.32 -12.00 2.70
N LYS B 438 22.88 -11.49 3.79
CA LYS B 438 23.75 -12.27 4.67
C LYS B 438 23.01 -13.18 5.63
N GLY B 439 21.88 -12.71 6.15
CA GLY B 439 21.20 -13.38 7.23
C GLY B 439 22.06 -13.41 8.48
N LYS B 440 21.79 -14.38 9.35
CA LYS B 440 22.58 -14.57 10.57
C LYS B 440 22.76 -16.06 10.79
N LEU B 441 24.01 -16.47 10.92
CA LEU B 441 24.36 -17.87 11.03
C LEU B 441 24.12 -18.40 12.44
N PRO B 442 23.85 -19.70 12.58
CA PRO B 442 23.69 -20.31 13.90
C PRO B 442 24.85 -19.98 14.86
N GLU B 443 26.08 -20.02 14.37
CA GLU B 443 27.25 -19.72 15.21
C GLU B 443 27.25 -18.28 15.74
N GLU B 444 26.69 -17.36 14.96
CA GLU B 444 26.60 -15.96 15.36
C GLU B 444 25.50 -15.77 16.41
N ALA B 445 24.32 -16.34 16.15
CA ALA B 445 23.19 -16.25 17.08
C ALA B 445 23.46 -16.96 18.41
N ARG B 446 24.15 -18.10 18.35
CA ARG B 446 24.46 -18.87 19.55
C ARG B 446 25.31 -18.07 20.53
N LYS B 447 26.34 -17.41 20.02
CA LYS B 447 27.21 -16.56 20.85
C LYS B 447 26.44 -15.40 21.49
N GLU B 448 25.49 -14.84 20.75
CA GLU B 448 24.65 -13.76 21.26
C GLU B 448 23.76 -14.24 22.41
N LEU B 449 23.16 -15.42 22.22
CA LEU B 449 22.32 -16.02 23.25
C LEU B 449 23.13 -16.36 24.50
N GLN B 450 24.36 -16.86 24.29
CA GLN B 450 25.29 -17.19 25.37
C GLN B 450 25.66 -15.94 26.19
N ALA B 451 25.93 -14.84 25.49
CA ALA B 451 26.32 -13.58 26.14
C ALA B 451 25.14 -12.92 26.86
N ALA B 452 23.92 -13.23 26.43
CA ALA B 452 22.71 -12.68 27.04
C ALA B 452 22.33 -13.41 28.34
N GLY B 453 23.10 -14.43 28.70
CA GLY B 453 22.90 -15.17 29.94
C GLY B 453 21.80 -16.20 29.87
N LYS B 454 21.53 -16.72 28.67
CA LYS B 454 20.51 -17.75 28.50
C LYS B 454 21.04 -19.10 28.97
N SER B 455 20.18 -19.85 29.68
CA SER B 455 20.50 -21.21 30.10
C SER B 455 20.68 -22.12 28.88
N PRO B 456 21.44 -23.20 29.02
CA PRO B 456 21.59 -24.19 27.93
C PRO B 456 20.25 -24.64 27.33
N GLU B 457 19.24 -24.85 28.16
CA GLU B 457 17.91 -25.26 27.69
C GLU B 457 17.24 -24.14 26.89
N ASP B 458 17.28 -22.92 27.43
CA ASP B 458 16.68 -21.76 26.76
C ASP B 458 17.40 -21.43 25.46
N LEU B 459 18.73 -21.52 25.47
CA LEU B 459 19.53 -21.28 24.28
C LEU B 459 19.13 -22.25 23.16
N GLU B 460 19.06 -23.54 23.50
CA GLU B 460 18.69 -24.60 22.57
C GLU B 460 17.36 -24.32 21.88
N LYS B 461 16.39 -23.90 22.68
CA LYS B 461 15.02 -23.66 22.18
C LYS B 461 14.93 -22.39 21.34
N LEU B 462 15.63 -21.34 21.75
CA LEU B 462 15.58 -20.04 21.09
C LEU B 462 16.37 -19.99 19.79
N LEU B 463 17.46 -20.76 19.72
CA LEU B 463 18.40 -20.65 18.60
C LEU B 463 17.77 -20.57 17.20
N PRO B 464 16.96 -21.55 16.78
CA PRO B 464 16.43 -21.51 15.40
C PRO B 464 15.58 -20.27 15.12
N HIS B 465 14.95 -19.70 16.15
CA HIS B 465 14.15 -18.48 16.00
C HIS B 465 15.00 -17.25 15.71
N LYS B 466 16.27 -17.31 16.10
CA LYS B 466 17.18 -16.17 15.98
C LYS B 466 18.06 -16.25 14.75
N VAL B 467 17.95 -17.34 14.01
CA VAL B 467 18.73 -17.55 12.80
C VAL B 467 17.98 -16.98 11.60
N PHE B 468 18.73 -16.32 10.71
CA PHE B 468 18.17 -15.74 9.49
C PHE B 468 18.83 -16.43 8.31
N GLU B 469 18.02 -17.06 7.46
CA GLU B 469 18.58 -17.79 6.31
C GLU B 469 19.25 -16.87 5.28
N GLY B 470 18.81 -15.62 5.21
CA GLY B 470 19.36 -14.68 4.24
C GLY B 470 19.08 -15.12 2.81
N ASN B 471 20.00 -14.78 1.91
CA ASN B 471 19.86 -15.10 0.48
C ASN B 471 18.63 -14.45 -0.16
N ARG B 472 18.21 -13.32 0.41
CA ARG B 472 17.05 -12.59 -0.07
C ARG B 472 17.51 -11.44 -0.96
N PRO B 473 17.19 -11.52 -2.24
CA PRO B 473 17.76 -10.60 -3.23
C PRO B 473 17.09 -9.22 -3.24
N THR B 474 17.92 -8.21 -3.48
CA THR B 474 17.44 -6.83 -3.58
C THR B 474 18.15 -6.07 -4.69
N ASN B 475 17.49 -5.02 -5.17
CA ASN B 475 18.13 -3.96 -5.94
C ASN B 475 18.26 -2.76 -5.01
N SER B 476 19.35 -2.02 -5.17
CA SER B 476 19.51 -0.74 -4.47
C SER B 476 19.66 0.34 -5.53
N ILE B 477 18.71 1.27 -5.52
CA ILE B 477 18.72 2.39 -6.45
C ILE B 477 18.95 3.69 -5.67
N VAL B 478 20.11 4.28 -5.88
CA VAL B 478 20.57 5.42 -5.11
C VAL B 478 20.83 6.58 -6.06
N PHE B 479 20.38 7.76 -5.70
CA PHE B 479 20.48 8.92 -6.59
C PHE B 479 20.89 10.14 -5.81
N THR B 480 21.53 11.09 -6.48
CA THR B 480 22.13 12.23 -5.79
C THR B 480 21.15 12.98 -4.88
N LYS B 481 19.98 13.30 -5.42
CA LYS B 481 18.96 14.07 -4.72
C LYS B 481 17.67 13.87 -5.47
N LEU B 482 16.54 13.92 -4.76
CA LEU B 482 15.25 13.80 -5.43
C LEU B 482 14.77 15.16 -5.92
N THR B 483 15.33 15.58 -7.05
CA THR B 483 14.98 16.82 -7.73
C THR B 483 13.90 16.48 -8.75
N PRO B 484 13.23 17.49 -9.31
CA PRO B 484 12.29 17.24 -10.39
C PRO B 484 12.90 16.43 -11.54
N PHE B 485 14.11 16.78 -11.97
CA PHE B 485 14.81 16.05 -13.03
C PHE B 485 15.02 14.58 -12.67
N ILE B 486 15.59 14.32 -11.50
CA ILE B 486 15.90 12.95 -11.11
C ILE B 486 14.63 12.13 -10.93
N LEU B 487 13.59 12.71 -10.33
CA LEU B 487 12.31 12.02 -10.22
C LEU B 487 11.76 11.63 -11.59
N GLY B 488 11.86 12.55 -12.56
CA GLY B 488 11.42 12.26 -13.92
C GLY B 488 12.16 11.08 -14.52
N ALA B 489 13.47 11.04 -14.32
CA ALA B 489 14.30 9.94 -14.80
C ALA B 489 13.89 8.61 -14.16
N LEU B 490 13.64 8.62 -12.85
CA LEU B 490 13.24 7.42 -12.12
C LEU B 490 11.90 6.87 -12.58
N ILE B 491 10.92 7.74 -12.77
CA ILE B 491 9.60 7.31 -13.24
C ILE B 491 9.73 6.70 -14.63
N ALA B 492 10.41 7.41 -15.54
CA ALA B 492 10.64 6.91 -16.89
C ALA B 492 11.36 5.55 -16.90
N MET B 493 12.30 5.37 -15.99
CA MET B 493 13.04 4.11 -15.89
C MET B 493 12.09 2.94 -15.62
N TYR B 494 11.16 3.12 -14.68
CA TYR B 494 10.20 2.06 -14.39
C TYR B 494 9.17 1.89 -15.50
N GLU B 495 8.79 2.99 -16.16
CA GLU B 495 7.92 2.89 -17.33
C GLU B 495 8.54 1.95 -18.36
N HIS B 496 9.83 2.13 -18.62
CA HIS B 496 10.50 1.31 -19.64
C HIS B 496 10.76 -0.12 -19.17
N LYS B 497 10.99 -0.31 -17.86
CA LYS B 497 11.06 -1.65 -17.30
C LYS B 497 9.77 -2.42 -17.62
N ILE B 498 8.65 -1.76 -17.35
CA ILE B 498 7.32 -2.34 -17.57
C ILE B 498 7.11 -2.68 -19.05
N PHE B 499 7.57 -1.78 -19.93
CA PHE B 499 7.48 -1.98 -21.37
C PHE B 499 8.25 -3.22 -21.81
N VAL B 500 9.49 -3.34 -21.34
CA VAL B 500 10.33 -4.47 -21.72
C VAL B 500 9.71 -5.80 -21.26
N GLN B 501 9.22 -5.85 -20.04
CA GLN B 501 8.56 -7.07 -19.55
C GLN B 501 7.35 -7.46 -20.40
N GLY B 502 6.53 -6.46 -20.74
CA GLY B 502 5.37 -6.67 -21.60
C GLY B 502 5.72 -7.27 -22.94
N ILE B 503 6.75 -6.73 -23.58
CA ILE B 503 7.21 -7.26 -24.86
C ILE B 503 7.65 -8.72 -24.72
N MET B 504 8.40 -9.01 -23.68
CA MET B 504 8.92 -10.36 -23.46
C MET B 504 7.80 -11.38 -23.21
N TRP B 505 6.74 -10.95 -22.52
CA TRP B 505 5.57 -11.80 -22.30
C TRP B 505 4.63 -11.87 -23.52
N ASP B 506 4.89 -11.01 -24.51
CA ASP B 506 4.04 -10.93 -25.72
C ASP B 506 2.64 -10.40 -25.42
N ILE B 507 2.52 -9.58 -24.39
CA ILE B 507 1.24 -8.99 -24.03
C ILE B 507 1.19 -7.52 -24.43
N ASN B 508 0.00 -6.92 -24.33
CA ASN B 508 -0.17 -5.50 -24.62
C ASN B 508 -0.16 -4.72 -23.31
N SER B 509 0.93 -3.99 -23.08
CA SER B 509 1.10 -3.23 -21.85
C SER B 509 0.20 -2.00 -21.80
N PHE B 510 -0.47 -1.70 -22.89
CA PHE B 510 -1.06 -0.38 -23.09
C PHE B 510 -2.58 -0.30 -23.22
N ASP B 511 -3.24 -1.45 -23.17
CA ASP B 511 -4.70 -1.47 -23.06
C ASP B 511 -5.12 -1.82 -21.64
N GLN B 512 -6.43 -1.87 -21.40
CA GLN B 512 -6.95 -2.22 -20.08
C GLN B 512 -8.40 -2.72 -20.18
N TRP B 513 -8.56 -3.82 -20.91
CA TRP B 513 -9.88 -4.39 -21.17
C TRP B 513 -10.54 -4.98 -19.93
N GLY B 514 -9.73 -5.21 -18.90
CA GLY B 514 -10.18 -5.83 -17.67
C GLY B 514 -11.06 -4.96 -16.79
N VAL B 515 -11.21 -3.69 -17.17
CA VAL B 515 -12.06 -2.77 -16.41
C VAL B 515 -13.53 -2.87 -16.79
N GLU B 516 -13.80 -3.45 -17.96
CA GLU B 516 -15.11 -3.39 -18.59
C GLU B 516 -16.22 -4.09 -17.81
N LEU B 517 -15.96 -5.32 -17.35
CA LEU B 517 -16.99 -6.12 -16.70
C LEU B 517 -17.55 -5.48 -15.43
N GLY B 518 -16.64 -5.02 -14.54
CA GLY B 518 -17.05 -4.36 -13.31
C GLY B 518 -17.89 -3.11 -13.57
N LYS B 519 -17.54 -2.38 -14.61
CA LYS B 519 -18.28 -1.17 -14.98
C LYS B 519 -19.69 -1.50 -15.46
N GLN B 520 -19.79 -2.54 -16.29
CA GLN B 520 -21.09 -3.00 -16.80
C GLN B 520 -22.02 -3.40 -15.67
N LEU B 521 -21.50 -4.21 -14.74
CA LEU B 521 -22.32 -4.72 -13.64
C LEU B 521 -22.71 -3.64 -12.63
N ALA B 522 -21.85 -2.63 -12.45
CA ALA B 522 -22.17 -1.53 -11.55
C ALA B 522 -23.31 -0.68 -12.10
N LYS B 523 -23.30 -0.48 -13.43
CA LYS B 523 -24.37 0.26 -14.10
C LYS B 523 -25.73 -0.42 -13.91
N LYS B 524 -25.72 -1.74 -13.89
CA LYS B 524 -26.95 -2.52 -13.68
C LYS B 524 -27.46 -2.42 -12.23
N ILE B 525 -26.55 -2.41 -11.26
CA ILE B 525 -26.94 -2.43 -9.85
C ILE B 525 -27.38 -1.06 -9.33
N GLU B 526 -26.76 0.00 -9.83
CA GLU B 526 -27.04 1.36 -9.36
C GLU B 526 -28.53 1.70 -9.20
N PRO B 527 -29.35 1.55 -10.24
CA PRO B 527 -30.78 1.87 -10.12
C PRO B 527 -31.57 0.91 -9.22
N GLU B 528 -31.03 -0.30 -8.99
CA GLU B 528 -31.70 -1.30 -8.17
C GLU B 528 -31.66 -0.98 -6.67
N LEU B 529 -30.68 -0.16 -6.28
CA LEU B 529 -30.49 0.17 -4.86
C LEU B 529 -31.57 1.12 -4.33
N GLU B 530 -32.10 1.97 -5.21
CA GLU B 530 -33.15 2.91 -4.85
C GLU B 530 -34.46 2.21 -4.51
N GLY B 531 -35.13 2.71 -3.46
CA GLY B 531 -36.42 2.20 -3.07
C GLY B 531 -36.38 0.92 -2.25
N SER B 532 -37.57 0.47 -1.85
CA SER B 532 -37.72 -0.61 -0.87
C SER B 532 -37.85 -2.01 -1.49
N SER B 533 -38.01 -2.08 -2.81
CA SER B 533 -38.27 -3.35 -3.48
C SER B 533 -37.10 -4.34 -3.36
N ALA B 534 -37.44 -5.60 -3.16
CA ALA B 534 -36.45 -6.68 -3.08
C ALA B 534 -35.79 -6.90 -4.44
N VAL B 535 -34.47 -7.07 -4.42
CA VAL B 535 -33.70 -7.32 -5.63
C VAL B 535 -33.36 -8.79 -5.74
N THR B 536 -33.77 -9.42 -6.84
CA THR B 536 -33.61 -10.86 -7.03
C THR B 536 -32.90 -11.20 -8.34
N SER B 537 -32.41 -10.17 -9.04
CA SER B 537 -31.90 -10.31 -10.40
C SER B 537 -30.49 -10.89 -10.52
N HIS B 538 -29.82 -11.08 -9.39
CA HIS B 538 -28.44 -11.56 -9.40
C HIS B 538 -28.32 -12.91 -8.73
N ASP B 539 -27.08 -13.36 -8.56
CA ASP B 539 -26.79 -14.53 -7.73
C ASP B 539 -27.21 -14.25 -6.28
N SER B 540 -27.34 -15.29 -5.48
CA SER B 540 -27.85 -15.13 -4.11
C SER B 540 -26.96 -14.28 -3.20
N SER B 541 -25.66 -14.24 -3.46
CA SER B 541 -24.75 -13.38 -2.67
C SER B 541 -25.01 -11.91 -2.93
N THR B 542 -24.93 -11.50 -4.20
CA THR B 542 -25.24 -10.14 -4.59
C THR B 542 -26.64 -9.72 -4.07
N ASN B 543 -27.64 -10.57 -4.28
CA ASN B 543 -28.99 -10.30 -3.77
C ASN B 543 -29.01 -10.13 -2.25
N GLY B 544 -28.28 -11.00 -1.57
CA GLY B 544 -28.24 -11.01 -0.11
C GLY B 544 -27.56 -9.79 0.47
N LEU B 545 -26.50 -9.35 -0.22
CA LEU B 545 -25.80 -8.13 0.17
C LEU B 545 -26.68 -6.90 -0.03
N ILE B 546 -27.40 -6.86 -1.14
CA ILE B 546 -28.34 -5.76 -1.41
C ILE B 546 -29.45 -5.75 -0.36
N SER B 547 -29.98 -6.92 -0.03
CA SER B 547 -31.01 -7.04 1.00
C SER B 547 -30.53 -6.46 2.33
N PHE B 548 -29.30 -6.80 2.72
CA PHE B 548 -28.68 -6.27 3.92
C PHE B 548 -28.56 -4.75 3.88
N ILE B 549 -28.13 -4.22 2.73
CA ILE B 549 -28.03 -2.77 2.54
C ILE B 549 -29.38 -2.09 2.75
N LYS B 550 -30.42 -2.61 2.11
CA LYS B 550 -31.74 -2.01 2.21
C LYS B 550 -32.30 -2.10 3.63
N GLN B 551 -32.02 -3.19 4.33
CA GLN B 551 -32.50 -3.38 5.69
C GLN B 551 -31.76 -2.50 6.70
N GLN B 552 -30.48 -2.27 6.47
CA GLN B 552 -29.63 -1.60 7.46
C GLN B 552 -29.48 -0.09 7.28
N ARG B 553 -29.90 0.44 6.12
CA ARG B 553 -29.63 1.84 5.81
C ARG B 553 -30.46 2.88 6.56
N ASP B 554 -31.54 2.43 7.19
CA ASP B 554 -32.42 3.33 7.94
C ASP B 554 -32.24 3.22 9.46
N THR B 555 -31.54 2.17 9.91
CA THR B 555 -31.30 1.94 11.32
C THR B 555 -30.53 3.08 11.97
N LYS B 556 -31.02 3.54 13.12
CA LYS B 556 -30.38 4.61 13.87
C LYS B 556 -29.43 4.04 14.93
N LEU B 557 -28.16 4.43 14.86
CA LEU B 557 -27.17 4.02 15.84
C LEU B 557 -26.75 5.19 16.73
C1 S6P C . 5.28 -4.20 17.11
C2 S6P C . 6.75 -4.31 16.74
C3 S6P C . 7.36 -2.98 16.27
C4 S6P C . 7.45 -1.91 17.35
C5 S6P C . 8.37 -0.77 16.89
C6 S6P C . 8.45 0.35 17.92
O1 S6P C . 4.67 -5.46 17.34
O2 S6P C . 7.48 -4.83 17.85
O3 S6P C . 6.61 -2.44 15.17
O4 S6P C . 6.16 -1.39 17.64
O5 S6P C . 9.69 -1.24 16.65
O6 S6P C . 8.87 -0.22 19.16
P S6P C . 8.72 0.64 20.49
O1P S6P C . 9.40 1.96 20.23
O2P S6P C . 7.25 0.82 20.72
O3P S6P C . 9.42 -0.20 21.53
C1 GOL D . -1.84 22.29 33.16
O1 GOL D . -2.58 23.44 32.82
C2 GOL D . -0.54 22.23 32.38
O2 GOL D . 0.09 23.49 32.31
C3 GOL D . 0.39 21.22 33.03
O3 GOL D . 0.91 21.73 34.23
C1 GOL E . 24.88 13.28 6.87
O1 GOL E . 23.52 13.33 6.49
C2 GOL E . 25.74 12.82 5.70
O2 GOL E . 27.09 13.19 5.91
C3 GOL E . 25.65 11.30 5.58
O3 GOL E . 26.01 10.94 4.26
C1 GOL F . -28.15 6.17 -0.94
O1 GOL F . -26.82 6.38 -0.53
C2 GOL F . -28.70 4.92 -0.28
O2 GOL F . -30.11 4.92 -0.34
C3 GOL F . -28.17 3.68 -1.00
O3 GOL F . -28.34 2.56 -0.17
C1 S6P G . -5.29 4.65 -17.29
C2 S6P G . -6.64 3.93 -17.20
C3 S6P G . -7.55 4.52 -16.11
C4 S6P G . -8.06 5.94 -16.37
C5 S6P G . -9.18 6.29 -15.38
C6 S6P G . -9.76 7.68 -15.63
O1 S6P G . -4.36 3.95 -18.11
O2 S6P G . -7.29 3.92 -18.46
O3 S6P G . -6.93 4.48 -14.83
O4 S6P G . -7.01 6.89 -16.23
O5 S6P G . -10.22 5.32 -15.46
O6 S6P G . -10.10 7.85 -17.01
P S6P G . -10.41 9.30 -17.63
O1P S6P G . -11.46 9.90 -16.72
O2P S6P G . -9.09 10.04 -17.57
O3P S6P G . -10.92 9.04 -19.02
C1 GOL H . -10.50 34.56 -14.38
O1 GOL H . -10.66 35.72 -13.59
C2 GOL H . -10.97 34.90 -15.79
O2 GOL H . -10.05 35.81 -16.34
C3 GOL H . -10.99 33.64 -16.64
O3 GOL H . -11.49 33.95 -17.92
#